data_1RO6
#
_entry.id   1RO6
#
_cell.length_a   103.148
_cell.length_b   160.891
_cell.length_c   108.780
_cell.angle_alpha   90.00
_cell.angle_beta   90.00
_cell.angle_gamma   90.00
#
_symmetry.space_group_name_H-M   'C 2 2 21'
#
loop_
_entity.id
_entity.type
_entity.pdbx_description
1 polymer "cAMP-specific 3',5'-cyclic phosphodiesterase 4B"
2 non-polymer 'ZINC ION'
3 non-polymer 'MANGANESE (II) ION'
4 non-polymer ARSENIC
5 non-polymer ROLIPRAM
6 water water
#
_entity_poly.entity_id   1
_entity_poly.type   'polypeptide(L)'
_entity_poly.pdbx_seq_one_letter_code
;MSISRFGVNTENEDHLAKELEDLNKWGLNIFNVAGYSHNRPLTCIMYAIFQERDLLKTFRISSDTFITYMMTLEDHYHSD
VAYHNSLHAADVAQSTHVLLSTPALDAVFTDLEILAAIFAAAIHDVDHPGVSNQFLINTNSELALMYNDESVLENHHLAV
GFKLLQEEHCDIFMNLTKKQRQTLRKMVIDMVLATDMSKHMSLLADLKTMVETKKVTSSGVLLLDNYTDRIQVLRNMVHC
ADLSNPTKSLELYRQWTDRIMEEFFQQGDKERERGMEISPMCDKHTASVEKSQVGFIDYIVHPLWETWADLVQPDAQDIL
DTLEDNRNWYQSMIPQAPAPPLDEQNRDCQGLMEKFQFELTLDEEDSEGPEKEGEGHS
;
_entity_poly.pdbx_strand_id   A,B
#
loop_
_chem_comp.id
_chem_comp.type
_chem_comp.name
_chem_comp.formula
ARS non-polymer ARSENIC As
MN non-polymer 'MANGANESE (II) ION' 'Mn 2'
ROL non-polymer ROLIPRAM 'C16 H21 N O3'
ZN non-polymer 'ZINC ION' 'Zn 2'
#
# COMPACT_ATOMS: atom_id res chain seq x y z
N SER A 2 -27.26 14.94 -5.34
CA SER A 2 -28.46 14.05 -5.30
C SER A 2 -28.16 12.73 -6.03
N ILE A 3 -28.21 11.65 -5.25
CA ILE A 3 -27.95 10.31 -5.75
C ILE A 3 -28.86 9.82 -6.88
N SER A 4 -30.10 10.28 -6.91
CA SER A 4 -31.02 9.82 -7.96
C SER A 4 -30.59 10.33 -9.34
N ARG A 5 -29.92 11.48 -9.40
CA ARG A 5 -29.44 12.02 -10.67
C ARG A 5 -28.39 11.07 -11.23
N PHE A 6 -27.61 10.48 -10.32
CA PHE A 6 -26.56 9.55 -10.69
C PHE A 6 -27.10 8.17 -11.01
N GLY A 7 -28.35 7.91 -10.64
CA GLY A 7 -28.94 6.62 -10.90
C GLY A 7 -28.27 5.50 -10.12
N VAL A 8 -27.64 5.85 -8.99
CA VAL A 8 -26.94 4.88 -8.16
C VAL A 8 -27.83 4.34 -7.04
N ASN A 9 -27.90 3.03 -6.88
CA ASN A 9 -28.70 2.44 -5.81
C ASN A 9 -27.89 2.41 -4.51
N THR A 10 -28.57 2.13 -3.39
CA THR A 10 -27.91 2.11 -2.09
C THR A 10 -26.70 1.18 -2.00
N GLU A 11 -26.75 0.04 -2.68
CA GLU A 11 -25.64 -0.91 -2.67
C GLU A 11 -24.36 -0.24 -3.21
N ASN A 12 -24.44 0.35 -4.39
CA ASN A 12 -23.27 1.01 -4.97
C ASN A 12 -22.95 2.32 -4.27
N GLU A 13 -23.94 2.96 -3.67
CA GLU A 13 -23.71 4.18 -2.92
C GLU A 13 -22.81 3.82 -1.73
N ASP A 14 -23.06 2.66 -1.13
CA ASP A 14 -22.25 2.21 0.00
C ASP A 14 -20.82 1.95 -0.46
N HIS A 15 -20.68 1.34 -1.63
CA HIS A 15 -19.34 1.09 -2.18
C HIS A 15 -18.63 2.42 -2.38
N LEU A 16 -19.33 3.38 -2.99
CA LEU A 16 -18.78 4.71 -3.24
C LEU A 16 -18.34 5.39 -1.94
N ALA A 17 -19.17 5.30 -0.91
CA ALA A 17 -18.83 5.92 0.38
C ALA A 17 -17.49 5.38 0.87
N LYS A 18 -17.22 4.11 0.63
CA LYS A 18 -15.95 3.54 1.06
C LYS A 18 -14.78 4.14 0.25
N GLU A 19 -14.95 4.21 -1.07
CA GLU A 19 -13.91 4.76 -1.94
C GLU A 19 -13.65 6.23 -1.62
N LEU A 20 -14.71 6.99 -1.39
CA LEU A 20 -14.60 8.42 -1.09
C LEU A 20 -13.95 8.73 0.26
N GLU A 21 -13.60 7.70 1.01
CA GLU A 21 -12.91 7.89 2.29
C GLU A 21 -11.55 8.52 1.94
N ASP A 22 -11.06 8.24 0.73
CA ASP A 22 -9.79 8.77 0.26
C ASP A 22 -9.90 10.03 -0.59
N LEU A 23 -11.03 10.73 -0.50
CA LEU A 23 -11.23 11.94 -1.29
C LEU A 23 -10.10 12.97 -1.18
N ASN A 24 -9.59 13.18 0.03
CA ASN A 24 -8.52 14.16 0.22
C ASN A 24 -7.13 13.54 0.14
N LYS A 25 -7.06 12.30 -0.31
CA LYS A 25 -5.80 11.58 -0.41
C LYS A 25 -5.33 11.26 -1.82
N TRP A 26 -4.01 11.18 -1.98
CA TRP A 26 -3.37 10.87 -3.24
C TRP A 26 -3.69 9.43 -3.67
N GLY A 27 -3.96 8.58 -2.67
CA GLY A 27 -4.26 7.19 -2.94
C GLY A 27 -5.67 6.85 -3.39
N LEU A 28 -6.51 7.85 -3.60
CA LEU A 28 -7.88 7.58 -4.05
C LEU A 28 -7.84 6.80 -5.36
N ASN A 29 -8.75 5.85 -5.53
CA ASN A 29 -8.78 5.07 -6.76
C ASN A 29 -9.96 5.54 -7.62
N ILE A 30 -9.68 6.41 -8.58
CA ILE A 30 -10.72 6.96 -9.45
C ILE A 30 -11.37 5.90 -10.36
N PHE A 31 -10.65 4.81 -10.66
CA PHE A 31 -11.19 3.76 -11.49
C PHE A 31 -12.36 3.08 -10.77
N ASN A 32 -12.21 2.90 -9.45
CA ASN A 32 -13.25 2.31 -8.63
C ASN A 32 -14.46 3.24 -8.58
N VAL A 33 -14.19 4.54 -8.44
CA VAL A 33 -15.24 5.56 -8.40
C VAL A 33 -16.07 5.44 -9.68
N ALA A 34 -15.41 5.41 -10.83
CA ALA A 34 -16.12 5.29 -12.10
C ALA A 34 -16.98 4.03 -12.08
N GLY A 35 -16.40 2.93 -11.62
CA GLY A 35 -17.11 1.66 -11.58
C GLY A 35 -18.39 1.65 -10.77
N TYR A 36 -18.46 2.44 -9.70
CA TYR A 36 -19.66 2.49 -8.87
C TYR A 36 -20.60 3.65 -9.20
N SER A 37 -20.22 4.49 -10.14
CA SER A 37 -21.05 5.65 -10.49
C SER A 37 -21.62 5.63 -11.91
N HIS A 38 -21.81 4.44 -12.48
CA HIS A 38 -22.31 4.31 -13.85
C HIS A 38 -21.41 5.11 -14.79
N ASN A 39 -20.11 5.00 -14.55
CA ASN A 39 -19.09 5.70 -15.31
C ASN A 39 -19.22 7.21 -15.40
N ARG A 40 -19.60 7.86 -14.30
CA ARG A 40 -19.66 9.32 -14.27
C ARG A 40 -18.70 9.81 -13.17
N PRO A 41 -17.42 9.38 -13.23
CA PRO A 41 -16.44 9.77 -12.22
C PRO A 41 -16.14 11.25 -12.08
N LEU A 42 -16.17 12.00 -13.17
CA LEU A 42 -15.90 13.44 -13.11
C LEU A 42 -17.01 14.14 -12.33
N THR A 43 -18.26 13.85 -12.67
CA THR A 43 -19.37 14.49 -11.97
C THR A 43 -19.42 14.04 -10.51
N CYS A 44 -19.22 12.76 -10.25
CA CYS A 44 -19.24 12.25 -8.89
C CYS A 44 -18.13 12.87 -8.04
N ILE A 45 -16.89 12.79 -8.51
CA ILE A 45 -15.77 13.34 -7.75
C ILE A 45 -15.89 14.87 -7.61
N MET A 46 -16.39 15.55 -8.63
CA MET A 46 -16.52 17.00 -8.55
C MET A 46 -17.61 17.37 -7.54
N TYR A 47 -18.71 16.63 -7.52
CA TYR A 47 -19.77 16.90 -6.57
C TYR A 47 -19.19 16.67 -5.16
N ALA A 48 -18.43 15.59 -4.99
CA ALA A 48 -17.81 15.28 -3.70
C ALA A 48 -16.86 16.41 -3.26
N ILE A 49 -16.02 16.85 -4.18
CA ILE A 49 -15.07 17.91 -3.89
C ILE A 49 -15.77 19.20 -3.49
N PHE A 50 -16.77 19.61 -4.28
CA PHE A 50 -17.49 20.83 -4.00
C PHE A 50 -18.24 20.76 -2.67
N GLN A 51 -18.78 19.60 -2.32
CA GLN A 51 -19.48 19.44 -1.05
C GLN A 51 -18.42 19.57 0.07
N GLU A 52 -17.32 18.86 -0.12
CA GLU A 52 -16.21 18.87 0.84
C GLU A 52 -15.69 20.28 1.12
N ARG A 53 -15.56 21.09 0.07
CA ARG A 53 -15.04 22.44 0.22
C ARG A 53 -16.11 23.52 0.40
N ASP A 54 -17.37 23.10 0.51
CA ASP A 54 -18.49 24.03 0.65
C ASP A 54 -18.57 25.08 -0.46
N LEU A 55 -17.99 24.77 -1.62
CA LEU A 55 -18.00 25.68 -2.76
C LEU A 55 -19.39 26.00 -3.26
N LEU A 56 -20.31 25.03 -3.19
CA LEU A 56 -21.68 25.25 -3.64
C LEU A 56 -22.35 26.31 -2.79
N LYS A 57 -22.06 26.29 -1.49
CA LYS A 57 -22.64 27.26 -0.57
C LYS A 57 -21.99 28.62 -0.79
N THR A 58 -20.66 28.63 -0.80
CA THR A 58 -19.90 29.86 -0.99
C THR A 58 -20.25 30.62 -2.27
N PHE A 59 -20.43 29.92 -3.37
CA PHE A 59 -20.74 30.61 -4.62
C PHE A 59 -22.18 30.49 -5.08
N ARG A 60 -23.04 30.06 -4.16
CA ARG A 60 -24.46 29.90 -4.41
C ARG A 60 -24.81 29.15 -5.69
N ILE A 61 -24.30 27.93 -5.79
CA ILE A 61 -24.57 27.08 -6.94
C ILE A 61 -25.51 26.00 -6.41
N SER A 62 -26.71 25.90 -6.97
CA SER A 62 -27.63 24.86 -6.51
C SER A 62 -27.08 23.51 -6.96
N SER A 63 -27.41 22.44 -6.24
CA SER A 63 -26.94 21.14 -6.64
C SER A 63 -27.50 20.79 -8.02
N ASP A 64 -28.72 21.26 -8.30
CA ASP A 64 -29.34 21.01 -9.59
C ASP A 64 -28.49 21.57 -10.73
N THR A 65 -28.17 22.86 -10.64
CA THR A 65 -27.35 23.50 -11.65
C THR A 65 -25.96 22.84 -11.75
N PHE A 66 -25.33 22.57 -10.61
CA PHE A 66 -24.01 21.95 -10.62
C PHE A 66 -24.00 20.59 -11.30
N ILE A 67 -24.90 19.69 -10.88
CA ILE A 67 -24.97 18.36 -11.47
C ILE A 67 -25.38 18.40 -12.96
N THR A 68 -26.32 19.27 -13.31
CA THR A 68 -26.73 19.39 -14.71
C THR A 68 -25.54 19.79 -15.57
N TYR A 69 -24.79 20.81 -15.13
CA TYR A 69 -23.62 21.24 -15.88
C TYR A 69 -22.54 20.16 -15.92
N MET A 70 -22.22 19.56 -14.78
CA MET A 70 -21.18 18.53 -14.76
C MET A 70 -21.53 17.32 -15.63
N MET A 71 -22.77 16.88 -15.56
CA MET A 71 -23.19 15.74 -16.37
C MET A 71 -23.12 16.12 -17.84
N THR A 72 -23.40 17.39 -18.15
CA THR A 72 -23.33 17.85 -19.53
C THR A 72 -21.86 17.88 -19.97
N LEU A 73 -21.00 18.46 -19.12
CA LEU A 73 -19.59 18.53 -19.43
C LEU A 73 -18.98 17.14 -19.60
N GLU A 74 -19.25 16.27 -18.63
CA GLU A 74 -18.71 14.92 -18.67
C GLU A 74 -19.12 14.19 -19.94
N ASP A 75 -20.33 14.46 -20.42
CA ASP A 75 -20.84 13.84 -21.63
C ASP A 75 -20.11 14.35 -22.88
N HIS A 76 -19.39 15.46 -22.74
CA HIS A 76 -18.64 15.97 -23.88
C HIS A 76 -17.22 15.44 -23.91
N TYR A 77 -16.87 14.57 -22.95
CA TYR A 77 -15.57 13.91 -22.98
C TYR A 77 -15.92 12.65 -23.81
N HIS A 78 -15.00 12.19 -24.63
CA HIS A 78 -15.22 11.02 -25.50
C HIS A 78 -14.91 9.73 -24.74
N SER A 79 -15.94 8.94 -24.43
CA SER A 79 -15.71 7.70 -23.70
C SER A 79 -14.91 6.68 -24.53
N ASP A 80 -14.91 6.83 -25.84
CA ASP A 80 -14.17 5.94 -26.74
C ASP A 80 -12.71 6.33 -26.93
N VAL A 81 -12.29 7.43 -26.31
CA VAL A 81 -10.89 7.85 -26.38
C VAL A 81 -10.27 7.16 -25.17
N ALA A 82 -9.19 6.42 -25.37
CA ALA A 82 -8.57 5.63 -24.30
C ALA A 82 -8.04 6.36 -23.06
N TYR A 83 -7.36 7.47 -23.26
CA TYR A 83 -6.79 8.21 -22.13
C TYR A 83 -7.50 9.51 -21.80
N HIS A 84 -7.58 10.42 -22.77
CA HIS A 84 -8.19 11.72 -22.51
C HIS A 84 -9.72 11.72 -22.50
N ASN A 85 -10.27 10.96 -21.56
CA ASN A 85 -11.73 10.86 -21.39
C ASN A 85 -12.06 11.45 -20.00
N SER A 86 -13.31 11.30 -19.52
CA SER A 86 -13.68 11.89 -18.24
C SER A 86 -12.99 11.30 -17.02
N LEU A 87 -12.48 10.09 -17.17
CA LEU A 87 -11.77 9.43 -16.07
C LEU A 87 -10.47 10.21 -15.78
N HIS A 88 -9.76 10.61 -16.84
CA HIS A 88 -8.53 11.40 -16.69
C HIS A 88 -8.86 12.79 -16.12
N ALA A 89 -9.95 13.38 -16.57
CA ALA A 89 -10.33 14.69 -16.07
C ALA A 89 -10.66 14.61 -14.58
N ALA A 90 -11.39 13.57 -14.20
CA ALA A 90 -11.76 13.37 -12.80
C ALA A 90 -10.48 13.21 -11.95
N ASP A 91 -9.52 12.46 -12.49
CA ASP A 91 -8.25 12.23 -11.81
C ASP A 91 -7.50 13.56 -11.63
N VAL A 92 -7.47 14.38 -12.67
CA VAL A 92 -6.77 15.65 -12.57
C VAL A 92 -7.47 16.58 -11.57
N ALA A 93 -8.79 16.59 -11.59
CA ALA A 93 -9.57 17.42 -10.68
C ALA A 93 -9.31 17.01 -9.23
N GLN A 94 -9.37 15.70 -8.95
CA GLN A 94 -9.14 15.17 -7.61
C GLN A 94 -7.70 15.41 -7.15
N SER A 95 -6.74 15.23 -8.06
CA SER A 95 -5.34 15.45 -7.74
C SER A 95 -5.11 16.93 -7.42
N THR A 96 -5.77 17.80 -8.18
CA THR A 96 -5.66 19.23 -7.96
C THR A 96 -6.30 19.56 -6.61
N HIS A 97 -7.39 18.88 -6.29
CA HIS A 97 -8.10 19.06 -5.03
C HIS A 97 -7.16 18.79 -3.85
N VAL A 98 -6.32 17.77 -3.98
CA VAL A 98 -5.37 17.40 -2.94
C VAL A 98 -4.21 18.40 -2.86
N LEU A 99 -3.68 18.81 -4.01
CA LEU A 99 -2.57 19.75 -4.05
C LEU A 99 -2.94 21.10 -3.42
N LEU A 100 -4.18 21.53 -3.58
CA LEU A 100 -4.61 22.79 -3.01
C LEU A 100 -4.55 22.77 -1.48
N SER A 101 -4.72 21.58 -0.90
CA SER A 101 -4.69 21.41 0.55
C SER A 101 -3.32 21.08 1.12
N THR A 102 -2.28 21.16 0.30
CA THR A 102 -0.95 20.87 0.79
C THR A 102 -0.64 21.89 1.89
N PRO A 103 -0.05 21.42 3.01
CA PRO A 103 0.31 22.28 4.15
C PRO A 103 0.93 23.62 3.80
N ALA A 104 1.98 23.59 2.99
CA ALA A 104 2.70 24.79 2.57
C ALA A 104 1.87 25.89 1.91
N LEU A 105 0.70 25.55 1.40
CA LEU A 105 -0.14 26.54 0.74
C LEU A 105 -1.40 26.86 1.54
N ASP A 106 -1.42 26.48 2.81
CA ASP A 106 -2.57 26.73 3.67
C ASP A 106 -2.93 28.22 3.73
N ALA A 107 -4.21 28.52 3.57
CA ALA A 107 -4.72 29.88 3.61
C ALA A 107 -4.12 30.86 2.58
N VAL A 108 -3.42 30.34 1.58
CA VAL A 108 -2.81 31.20 0.56
C VAL A 108 -3.77 31.66 -0.53
N PHE A 109 -4.63 30.74 -1.00
CA PHE A 109 -5.58 31.05 -2.07
C PHE A 109 -6.98 31.45 -1.62
N THR A 110 -7.63 32.29 -2.42
CA THR A 110 -8.98 32.73 -2.11
C THR A 110 -9.93 31.63 -2.57
N ASP A 111 -11.19 31.72 -2.17
CA ASP A 111 -12.18 30.72 -2.57
C ASP A 111 -12.36 30.74 -4.08
N LEU A 112 -12.31 31.93 -4.67
CA LEU A 112 -12.49 32.06 -6.12
C LEU A 112 -11.35 31.37 -6.87
N GLU A 113 -10.13 31.51 -6.38
CA GLU A 113 -8.99 30.89 -7.02
C GLU A 113 -9.11 29.36 -6.88
N ILE A 114 -9.60 28.89 -5.73
CA ILE A 114 -9.78 27.45 -5.51
C ILE A 114 -10.82 26.93 -6.50
N LEU A 115 -11.93 27.66 -6.63
CA LEU A 115 -12.98 27.30 -7.56
C LEU A 115 -12.40 27.25 -8.97
N ALA A 116 -11.60 28.26 -9.31
CA ALA A 116 -10.98 28.36 -10.63
C ALA A 116 -10.05 27.20 -10.97
N ALA A 117 -9.22 26.78 -10.03
CA ALA A 117 -8.29 25.69 -10.28
C ALA A 117 -8.98 24.34 -10.50
N ILE A 118 -9.94 24.02 -9.65
CA ILE A 118 -10.66 22.77 -9.75
C ILE A 118 -11.52 22.75 -11.02
N PHE A 119 -12.15 23.88 -11.34
CA PHE A 119 -12.96 23.95 -12.55
C PHE A 119 -12.07 23.76 -13.77
N ALA A 120 -10.92 24.44 -13.79
CA ALA A 120 -9.97 24.30 -14.89
C ALA A 120 -9.58 22.83 -15.09
N ALA A 121 -9.25 22.17 -13.99
CA ALA A 121 -8.87 20.75 -14.06
C ALA A 121 -9.97 19.91 -14.70
N ALA A 122 -11.21 20.15 -14.30
CA ALA A 122 -12.37 19.41 -14.82
C ALA A 122 -12.63 19.57 -16.32
N ILE A 123 -12.48 20.79 -16.84
CA ILE A 123 -12.74 21.06 -18.25
C ILE A 123 -11.49 21.03 -19.14
N HIS A 124 -10.31 20.86 -18.55
CA HIS A 124 -9.08 20.97 -19.33
C HIS A 124 -8.84 20.09 -20.54
N ASP A 125 -9.59 18.99 -20.68
CA ASP A 125 -9.45 18.11 -21.85
C ASP A 125 -10.80 17.79 -22.49
N VAL A 126 -11.82 18.60 -22.22
CA VAL A 126 -13.15 18.30 -22.76
C VAL A 126 -13.23 18.29 -24.28
N ASP A 127 -13.94 17.30 -24.81
CA ASP A 127 -14.10 17.11 -26.24
C ASP A 127 -12.77 16.80 -26.93
N HIS A 128 -11.85 16.14 -26.21
CA HIS A 128 -10.56 15.75 -26.77
C HIS A 128 -10.83 14.61 -27.77
N PRO A 129 -10.34 14.73 -29.01
CA PRO A 129 -10.56 13.67 -30.01
C PRO A 129 -9.62 12.48 -29.98
N GLY A 130 -8.65 12.49 -29.05
CA GLY A 130 -7.72 11.37 -28.98
C GLY A 130 -6.56 11.45 -29.95
N VAL A 131 -6.32 12.64 -30.52
CA VAL A 131 -5.20 12.84 -31.42
C VAL A 131 -4.52 14.14 -31.00
N SER A 132 -3.25 14.30 -31.36
CA SER A 132 -2.49 15.49 -30.97
C SER A 132 -2.80 16.73 -31.79
N ASN A 133 -2.29 17.87 -31.32
CA ASN A 133 -2.46 19.13 -32.03
C ASN A 133 -1.83 19.00 -33.40
N GLN A 134 -0.64 18.39 -33.45
CA GLN A 134 0.04 18.23 -34.72
C GLN A 134 -0.77 17.42 -35.73
N PHE A 135 -1.50 16.40 -35.25
CA PHE A 135 -2.33 15.59 -36.15
C PHE A 135 -3.44 16.47 -36.73
N LEU A 136 -4.05 17.31 -35.91
CA LEU A 136 -5.11 18.20 -36.39
C LEU A 136 -4.56 19.21 -37.39
N ILE A 137 -3.35 19.68 -37.13
CA ILE A 137 -2.70 20.63 -38.03
C ILE A 137 -2.38 19.98 -39.36
N ASN A 138 -1.78 18.77 -39.34
CA ASN A 138 -1.41 18.08 -40.58
C ASN A 138 -2.57 17.59 -41.44
N THR A 139 -3.75 17.45 -40.86
CA THR A 139 -4.90 16.98 -41.64
C THR A 139 -5.74 18.17 -42.12
N ASN A 140 -5.27 19.37 -41.80
CA ASN A 140 -5.94 20.62 -42.15
C ASN A 140 -7.33 20.66 -41.53
N SER A 141 -7.39 20.24 -40.28
CA SER A 141 -8.61 20.20 -39.49
C SER A 141 -9.21 21.60 -39.37
N GLU A 142 -10.54 21.69 -39.40
CA GLU A 142 -11.18 22.98 -39.28
C GLU A 142 -10.81 23.61 -37.93
N LEU A 143 -10.64 22.78 -36.90
CA LEU A 143 -10.27 23.27 -35.58
C LEU A 143 -8.90 23.97 -35.62
N ALA A 144 -7.95 23.39 -36.34
CA ALA A 144 -6.62 23.99 -36.46
C ALA A 144 -6.69 25.30 -37.25
N LEU A 145 -7.55 25.35 -38.26
CA LEU A 145 -7.70 26.56 -39.06
C LEU A 145 -8.28 27.68 -38.21
N MET A 146 -9.29 27.35 -37.41
CA MET A 146 -9.93 28.32 -36.53
C MET A 146 -8.98 28.92 -35.47
N TYR A 147 -8.11 28.08 -34.93
CA TYR A 147 -7.19 28.53 -33.90
C TYR A 147 -5.76 28.81 -34.38
N ASN A 148 -5.59 28.90 -35.69
CA ASN A 148 -4.29 29.22 -36.27
C ASN A 148 -3.14 28.35 -35.75
N ASP A 149 -3.38 27.03 -35.70
CA ASP A 149 -2.39 26.05 -35.25
C ASP A 149 -1.74 26.27 -33.87
N GLU A 150 -2.28 27.16 -33.06
CA GLU A 150 -1.69 27.44 -31.73
C GLU A 150 -2.53 26.88 -30.59
N SER A 151 -1.94 26.00 -29.78
CA SER A 151 -2.66 25.39 -28.65
C SER A 151 -4.09 25.08 -29.09
N VAL A 152 -4.21 24.39 -30.22
CA VAL A 152 -5.52 24.09 -30.80
C VAL A 152 -6.51 23.40 -29.87
N LEU A 153 -6.15 22.23 -29.36
CA LEU A 153 -7.06 21.51 -28.48
C LEU A 153 -7.34 22.25 -27.17
N GLU A 154 -6.28 22.83 -26.60
CA GLU A 154 -6.40 23.56 -25.33
C GLU A 154 -7.39 24.72 -25.47
N ASN A 155 -7.29 25.45 -26.57
CA ASN A 155 -8.22 26.54 -26.83
C ASN A 155 -9.61 25.97 -26.97
N HIS A 156 -9.72 24.85 -27.68
CA HIS A 156 -11.02 24.20 -27.87
C HIS A 156 -11.62 23.72 -26.55
N HIS A 157 -10.79 23.16 -25.66
CA HIS A 157 -11.29 22.67 -24.37
C HIS A 157 -11.94 23.82 -23.61
N LEU A 158 -11.26 24.98 -23.59
CA LEU A 158 -11.79 26.15 -22.91
C LEU A 158 -13.10 26.62 -23.53
N ALA A 159 -13.15 26.72 -24.85
CA ALA A 159 -14.35 27.18 -25.53
C ALA A 159 -15.55 26.30 -25.21
N VAL A 160 -15.33 24.99 -25.22
CA VAL A 160 -16.42 24.06 -24.91
C VAL A 160 -16.81 24.18 -23.45
N GLY A 161 -15.83 24.14 -22.56
CA GLY A 161 -16.13 24.25 -21.14
C GLY A 161 -16.99 25.45 -20.81
N PHE A 162 -16.62 26.63 -21.31
CA PHE A 162 -17.40 27.83 -21.05
C PHE A 162 -18.71 27.85 -21.82
N LYS A 163 -18.68 27.40 -23.07
CA LYS A 163 -19.88 27.38 -23.90
C LYS A 163 -21.02 26.54 -23.30
N LEU A 164 -20.69 25.42 -22.67
CA LEU A 164 -21.70 24.54 -22.08
C LEU A 164 -22.45 25.18 -20.91
N LEU A 165 -21.91 26.26 -20.37
CA LEU A 165 -22.54 26.97 -19.28
C LEU A 165 -23.86 27.56 -19.73
N GLN A 166 -24.04 27.72 -21.04
CA GLN A 166 -25.24 28.30 -21.60
C GLN A 166 -26.39 27.34 -21.87
N GLU A 167 -26.16 26.02 -21.73
CA GLU A 167 -27.24 25.08 -21.96
C GLU A 167 -28.23 25.16 -20.78
N GLU A 168 -29.41 24.58 -20.95
CA GLU A 168 -30.46 24.65 -19.93
C GLU A 168 -30.02 24.24 -18.53
N HIS A 169 -30.20 25.16 -17.57
CA HIS A 169 -29.85 24.92 -16.17
C HIS A 169 -28.37 24.58 -15.91
N CYS A 170 -27.47 25.07 -16.75
CA CYS A 170 -26.05 24.77 -16.60
C CYS A 170 -25.14 25.91 -16.13
N ASP A 171 -25.70 27.09 -15.85
CA ASP A 171 -24.82 28.21 -15.46
C ASP A 171 -24.42 28.22 -14.00
N ILE A 172 -23.37 27.48 -13.69
CA ILE A 172 -22.88 27.39 -12.32
C ILE A 172 -22.25 28.69 -11.82
N PHE A 173 -22.00 29.63 -12.72
CA PHE A 173 -21.40 30.91 -12.34
C PHE A 173 -22.43 32.05 -12.33
N MET A 174 -23.71 31.70 -12.46
CA MET A 174 -24.79 32.68 -12.50
C MET A 174 -24.79 33.66 -11.33
N ASN A 175 -24.45 33.18 -10.14
CA ASN A 175 -24.46 34.04 -8.98
C ASN A 175 -23.13 34.66 -8.58
N LEU A 176 -22.15 34.61 -9.48
CA LEU A 176 -20.89 35.27 -9.21
C LEU A 176 -21.11 36.65 -9.82
N THR A 177 -20.40 37.67 -9.34
CA THR A 177 -20.54 39.02 -9.88
C THR A 177 -19.74 39.08 -11.17
N LYS A 178 -20.04 40.07 -12.02
CA LYS A 178 -19.29 40.21 -13.26
C LYS A 178 -17.78 40.16 -13.01
N LYS A 179 -17.33 40.91 -12.01
CA LYS A 179 -15.92 40.98 -11.66
C LYS A 179 -15.35 39.60 -11.31
N GLN A 180 -16.07 38.86 -10.46
CA GLN A 180 -15.63 37.52 -10.07
C GLN A 180 -15.56 36.60 -11.29
N ARG A 181 -16.55 36.68 -12.18
CA ARG A 181 -16.56 35.83 -13.37
C ARG A 181 -15.39 36.15 -14.28
N GLN A 182 -15.09 37.44 -14.44
CA GLN A 182 -13.99 37.86 -15.29
C GLN A 182 -12.66 37.38 -14.71
N THR A 183 -12.51 37.47 -13.40
CA THR A 183 -11.26 37.04 -12.76
C THR A 183 -11.13 35.52 -12.83
N LEU A 184 -12.23 34.81 -12.59
CA LEU A 184 -12.20 33.36 -12.65
C LEU A 184 -11.88 32.94 -14.09
N ARG A 185 -12.53 33.56 -15.05
CA ARG A 185 -12.30 33.23 -16.44
C ARG A 185 -10.84 33.44 -16.85
N LYS A 186 -10.26 34.55 -16.43
CA LYS A 186 -8.86 34.85 -16.74
C LYS A 186 -7.93 33.76 -16.18
N MET A 187 -8.21 33.33 -14.96
CA MET A 187 -7.39 32.30 -14.32
C MET A 187 -7.57 30.94 -14.97
N VAL A 188 -8.81 30.56 -15.27
CA VAL A 188 -9.09 29.28 -15.91
C VAL A 188 -8.42 29.19 -17.28
N ILE A 189 -8.54 30.24 -18.07
CA ILE A 189 -7.92 30.26 -19.39
C ILE A 189 -6.40 30.09 -19.24
N ASP A 190 -5.82 30.79 -18.28
CA ASP A 190 -4.38 30.71 -18.03
C ASP A 190 -3.98 29.28 -17.66
N MET A 191 -4.72 28.66 -16.74
CA MET A 191 -4.40 27.31 -16.31
C MET A 191 -4.57 26.24 -17.39
N VAL A 192 -5.65 26.31 -18.17
CA VAL A 192 -5.87 25.31 -19.23
C VAL A 192 -4.85 25.49 -20.36
N LEU A 193 -4.55 26.72 -20.73
CA LEU A 193 -3.57 26.93 -21.79
C LEU A 193 -2.20 26.40 -21.37
N ALA A 194 -1.91 26.45 -20.07
CA ALA A 194 -0.63 25.98 -19.56
C ALA A 194 -0.50 24.46 -19.59
N THR A 195 -1.57 23.75 -19.92
CA THR A 195 -1.51 22.29 -19.98
C THR A 195 -0.94 21.82 -21.33
N ASP A 196 -0.73 22.75 -22.25
CA ASP A 196 -0.15 22.45 -23.56
C ASP A 196 1.30 22.04 -23.26
N MET A 197 1.67 20.80 -23.57
CA MET A 197 3.02 20.32 -23.30
C MET A 197 4.13 21.15 -23.95
N SER A 198 3.81 21.87 -25.02
CA SER A 198 4.81 22.70 -25.69
C SER A 198 5.24 23.87 -24.79
N LYS A 199 4.50 24.10 -23.72
CA LYS A 199 4.79 25.19 -22.77
C LYS A 199 5.50 24.68 -21.52
N HIS A 200 5.69 23.36 -21.42
CA HIS A 200 6.31 22.74 -20.27
C HIS A 200 7.63 23.37 -19.82
N MET A 201 8.63 23.39 -20.70
CA MET A 201 9.92 23.95 -20.33
C MET A 201 9.77 25.38 -19.80
N SER A 202 8.91 26.16 -20.45
CA SER A 202 8.66 27.54 -20.02
C SER A 202 8.10 27.57 -18.60
N LEU A 203 7.07 26.77 -18.35
CA LEU A 203 6.46 26.73 -17.02
C LEU A 203 7.47 26.30 -15.96
N LEU A 204 8.27 25.29 -16.28
CA LEU A 204 9.27 24.77 -15.36
C LEU A 204 10.33 25.82 -15.01
N ALA A 205 10.84 26.51 -16.02
CA ALA A 205 11.84 27.55 -15.81
C ALA A 205 11.28 28.62 -14.87
N ASP A 206 10.08 29.09 -15.18
CA ASP A 206 9.43 30.11 -14.37
C ASP A 206 9.14 29.62 -12.94
N LEU A 207 8.86 28.33 -12.78
CA LEU A 207 8.59 27.79 -11.45
C LEU A 207 9.89 27.76 -10.65
N LYS A 208 10.96 27.28 -11.27
CA LYS A 208 12.26 27.21 -10.62
C LYS A 208 12.72 28.62 -10.23
N THR A 209 12.59 29.56 -11.16
CA THR A 209 13.00 30.94 -10.92
C THR A 209 12.17 31.60 -9.81
N MET A 210 11.04 31.00 -9.47
CA MET A 210 10.19 31.53 -8.41
C MET A 210 10.61 30.92 -7.08
N VAL A 211 10.98 29.64 -7.12
CA VAL A 211 11.43 28.93 -5.93
C VAL A 211 12.73 29.54 -5.40
N GLU A 212 13.53 30.11 -6.30
CA GLU A 212 14.79 30.73 -5.93
C GLU A 212 14.58 31.93 -5.00
N THR A 213 13.40 32.55 -5.09
CA THR A 213 13.07 33.70 -4.26
C THR A 213 11.86 33.45 -3.37
N LYS A 214 11.67 32.20 -2.93
CA LYS A 214 10.53 31.86 -2.09
C LYS A 214 10.52 32.63 -0.78
N LYS A 215 9.37 33.20 -0.45
CA LYS A 215 9.19 33.97 0.77
C LYS A 215 8.27 33.18 1.70
N VAL A 216 8.84 32.37 2.58
CA VAL A 216 8.05 31.57 3.50
C VAL A 216 7.92 32.22 4.88
N THR A 217 6.86 31.88 5.62
CA THR A 217 6.64 32.44 6.95
C THR A 217 7.24 31.55 8.03
N SER A 218 7.05 31.93 9.28
CA SER A 218 7.55 31.19 10.43
C SER A 218 7.10 29.73 10.42
N SER A 219 5.80 29.52 10.17
CA SER A 219 5.23 28.18 10.14
C SER A 219 5.63 27.37 8.90
N GLY A 220 6.36 27.99 7.98
CA GLY A 220 6.76 27.30 6.77
C GLY A 220 5.71 27.41 5.68
N VAL A 221 4.74 28.29 5.88
CA VAL A 221 3.67 28.49 4.93
C VAL A 221 4.07 29.54 3.89
N LEU A 222 4.09 29.13 2.62
CA LEU A 222 4.45 30.04 1.54
C LEU A 222 3.65 31.33 1.58
N LEU A 223 4.30 32.42 1.19
CA LEU A 223 3.68 33.73 1.17
C LEU A 223 3.62 34.22 -0.27
N LEU A 224 2.40 34.36 -0.78
CA LEU A 224 2.17 34.80 -2.15
C LEU A 224 1.17 35.96 -2.16
N ASP A 225 1.68 37.17 -1.99
CA ASP A 225 0.84 38.36 -1.96
C ASP A 225 0.42 38.91 -3.33
N ASN A 226 1.27 38.74 -4.34
CA ASN A 226 0.93 39.23 -5.68
C ASN A 226 0.20 38.21 -6.54
N TYR A 227 -0.80 38.69 -7.28
CA TYR A 227 -1.60 37.83 -8.17
C TYR A 227 -0.72 37.04 -9.12
N THR A 228 0.24 37.71 -9.76
CA THR A 228 1.14 37.08 -10.70
C THR A 228 1.78 35.81 -10.15
N ASP A 229 2.21 35.84 -8.90
CA ASP A 229 2.82 34.67 -8.28
C ASP A 229 1.78 33.60 -7.97
N ARG A 230 0.61 34.01 -7.50
CA ARG A 230 -0.44 33.06 -7.18
C ARG A 230 -0.90 32.28 -8.41
N ILE A 231 -1.11 32.97 -9.53
CA ILE A 231 -1.55 32.30 -10.75
C ILE A 231 -0.44 31.42 -11.34
N GLN A 232 0.82 31.76 -11.08
CA GLN A 232 1.91 30.94 -11.61
C GLN A 232 1.98 29.62 -10.83
N VAL A 233 1.69 29.70 -9.54
CA VAL A 233 1.70 28.51 -8.71
C VAL A 233 0.50 27.64 -9.11
N LEU A 234 -0.63 28.28 -9.39
CA LEU A 234 -1.84 27.57 -9.77
C LEU A 234 -1.72 26.86 -11.12
N ARG A 235 -1.16 27.53 -12.13
CA ARG A 235 -1.01 26.91 -13.43
C ARG A 235 -0.03 25.73 -13.35
N ASN A 236 1.01 25.88 -12.52
CA ASN A 236 1.97 24.81 -12.34
C ASN A 236 1.34 23.66 -11.56
N MET A 237 0.43 24.00 -10.64
CA MET A 237 -0.25 22.99 -9.83
C MET A 237 -1.13 22.11 -10.71
N VAL A 238 -1.91 22.74 -11.60
CA VAL A 238 -2.78 21.99 -12.50
C VAL A 238 -1.91 21.16 -13.44
N HIS A 239 -0.80 21.73 -13.88
CA HIS A 239 0.14 21.04 -14.75
C HIS A 239 0.74 19.83 -14.03
N CYS A 240 1.00 19.96 -12.72
CA CYS A 240 1.55 18.85 -11.96
C CYS A 240 0.50 17.74 -11.85
N ALA A 241 -0.75 18.12 -11.59
CA ALA A 241 -1.83 17.15 -11.47
C ALA A 241 -2.01 16.41 -12.80
N ASP A 242 -1.87 17.14 -13.91
CA ASP A 242 -2.01 16.55 -15.23
C ASP A 242 -0.90 15.53 -15.47
N LEU A 243 0.28 15.77 -14.89
CA LEU A 243 1.42 14.85 -15.05
C LEU A 243 1.69 14.10 -13.75
N SER A 244 0.63 13.76 -13.03
CA SER A 244 0.75 13.05 -11.76
C SER A 244 0.64 11.54 -11.85
N ASN A 245 0.30 11.01 -13.03
CA ASN A 245 0.15 9.56 -13.15
C ASN A 245 1.34 8.76 -12.59
N PRO A 246 2.58 9.12 -12.98
CA PRO A 246 3.73 8.35 -12.46
C PRO A 246 3.99 8.47 -10.96
N THR A 247 3.33 9.43 -10.31
CA THR A 247 3.50 9.63 -8.87
C THR A 247 2.48 8.86 -8.04
N LYS A 248 1.58 8.13 -8.70
CA LYS A 248 0.56 7.36 -7.99
C LYS A 248 1.04 5.92 -7.78
N SER A 249 0.30 5.19 -6.95
CA SER A 249 0.65 3.80 -6.68
C SER A 249 0.75 3.10 -8.04
N LEU A 250 1.72 2.21 -8.17
CA LEU A 250 1.93 1.51 -9.43
C LEU A 250 0.67 0.87 -10.02
N GLU A 251 -0.25 0.43 -9.15
CA GLU A 251 -1.48 -0.17 -9.62
C GLU A 251 -2.26 0.82 -10.50
N LEU A 252 -2.27 2.09 -10.11
CA LEU A 252 -2.97 3.12 -10.87
C LEU A 252 -2.10 3.58 -12.05
N TYR A 253 -0.84 3.88 -11.78
CA TYR A 253 0.09 4.33 -12.80
C TYR A 253 0.08 3.39 -14.01
N ARG A 254 0.16 2.09 -13.78
CA ARG A 254 0.15 1.12 -14.87
C ARG A 254 -1.11 1.19 -15.74
N GLN A 255 -2.26 1.46 -15.12
CA GLN A 255 -3.49 1.57 -15.89
C GLN A 255 -3.44 2.83 -16.75
N TRP A 256 -2.85 3.90 -16.21
CA TRP A 256 -2.73 5.15 -16.96
C TRP A 256 -1.80 4.95 -18.16
N THR A 257 -0.72 4.19 -17.96
CA THR A 257 0.22 3.90 -19.04
C THR A 257 -0.44 3.07 -20.13
N ASP A 258 -1.20 2.05 -19.74
CA ASP A 258 -1.88 1.22 -20.73
C ASP A 258 -2.80 2.12 -21.58
N ARG A 259 -3.49 3.05 -20.92
CA ARG A 259 -4.41 3.95 -21.62
C ARG A 259 -3.74 4.95 -22.55
N ILE A 260 -2.71 5.64 -22.08
CA ILE A 260 -2.06 6.60 -22.96
C ILE A 260 -1.43 5.89 -24.16
N MET A 261 -0.91 4.67 -23.98
CA MET A 261 -0.31 3.94 -25.08
C MET A 261 -1.40 3.50 -26.06
N GLU A 262 -2.54 3.07 -25.54
CA GLU A 262 -3.65 2.66 -26.38
C GLU A 262 -4.10 3.85 -27.25
N GLU A 263 -4.18 5.03 -26.64
CA GLU A 263 -4.59 6.22 -27.38
C GLU A 263 -3.56 6.58 -28.47
N PHE A 264 -2.27 6.46 -28.14
CA PHE A 264 -1.24 6.75 -29.13
C PHE A 264 -1.31 5.76 -30.29
N PHE A 265 -1.57 4.50 -29.98
CA PHE A 265 -1.66 3.47 -31.01
C PHE A 265 -2.88 3.73 -31.89
N GLN A 266 -3.95 4.23 -31.28
CA GLN A 266 -5.14 4.54 -32.05
C GLN A 266 -4.83 5.69 -33.02
N GLN A 267 -4.05 6.69 -32.58
CA GLN A 267 -3.70 7.77 -33.49
C GLN A 267 -2.85 7.17 -34.62
N GLY A 268 -1.90 6.31 -34.24
CA GLY A 268 -1.06 5.67 -35.24
C GLY A 268 -1.93 4.94 -36.26
N ASP A 269 -3.03 4.35 -35.82
CA ASP A 269 -3.93 3.66 -36.75
C ASP A 269 -4.55 4.68 -37.71
N LYS A 270 -5.01 5.81 -37.17
CA LYS A 270 -5.63 6.85 -37.99
C LYS A 270 -4.63 7.38 -39.03
N GLU A 271 -3.39 7.57 -38.62
CA GLU A 271 -2.37 8.05 -39.53
C GLU A 271 -2.20 7.04 -40.66
N ARG A 272 -2.11 5.76 -40.32
CA ARG A 272 -1.96 4.73 -41.35
C ARG A 272 -3.18 4.72 -42.28
N GLU A 273 -4.37 4.75 -41.67
CA GLU A 273 -5.62 4.78 -42.43
C GLU A 273 -5.67 5.94 -43.42
N ARG A 274 -5.13 7.09 -43.03
CA ARG A 274 -5.16 8.27 -43.89
C ARG A 274 -3.93 8.50 -44.75
N GLY A 275 -3.08 7.48 -44.87
CA GLY A 275 -1.88 7.61 -45.69
C GLY A 275 -0.85 8.57 -45.16
N MET A 276 -0.83 8.76 -43.83
CA MET A 276 0.13 9.66 -43.21
C MET A 276 1.25 8.86 -42.56
N GLU A 277 2.42 9.48 -42.42
CA GLU A 277 3.53 8.81 -41.78
C GLU A 277 3.14 8.62 -40.30
N ILE A 278 3.50 7.48 -39.71
CA ILE A 278 3.16 7.19 -38.31
C ILE A 278 4.05 7.97 -37.36
N SER A 279 3.43 8.62 -36.38
CA SER A 279 4.11 9.44 -35.39
C SER A 279 4.89 8.63 -34.36
N PRO A 280 5.95 9.22 -33.79
CA PRO A 280 6.78 8.55 -32.79
C PRO A 280 5.95 8.06 -31.61
N MET A 281 6.16 6.79 -31.25
CA MET A 281 5.46 6.15 -30.14
C MET A 281 4.00 5.81 -30.43
N CYS A 282 3.57 5.99 -31.67
CA CYS A 282 2.20 5.66 -32.07
C CYS A 282 2.12 4.34 -32.85
N ASP A 283 3.26 3.66 -32.98
CA ASP A 283 3.31 2.38 -33.69
C ASP A 283 3.47 1.26 -32.65
N LYS A 284 2.42 0.47 -32.47
CA LYS A 284 2.47 -0.61 -31.48
C LYS A 284 3.61 -1.60 -31.71
N HIS A 285 3.90 -1.90 -32.97
CA HIS A 285 4.96 -2.85 -33.31
C HIS A 285 6.37 -2.38 -32.95
N THR A 286 6.59 -1.06 -32.91
CA THR A 286 7.92 -0.54 -32.60
C THR A 286 7.97 0.32 -31.34
N ALA A 287 6.95 0.19 -30.49
CA ALA A 287 6.87 0.96 -29.26
C ALA A 287 7.68 0.33 -28.14
N SER A 288 8.25 1.16 -27.28
CA SER A 288 9.02 0.68 -26.15
C SER A 288 8.42 1.32 -24.90
N VAL A 289 7.27 0.80 -24.49
CA VAL A 289 6.53 1.31 -23.34
C VAL A 289 7.39 1.63 -22.12
N GLU A 290 8.13 0.64 -21.63
CA GLU A 290 8.98 0.83 -20.45
C GLU A 290 9.99 1.95 -20.66
N LYS A 291 10.78 1.85 -21.72
CA LYS A 291 11.78 2.88 -22.00
C LYS A 291 11.15 4.27 -22.07
N SER A 292 10.01 4.36 -22.74
CA SER A 292 9.33 5.65 -22.87
C SER A 292 8.92 6.22 -21.51
N GLN A 293 8.42 5.38 -20.62
CA GLN A 293 8.03 5.85 -19.30
C GLN A 293 9.25 6.36 -18.51
N VAL A 294 10.36 5.64 -18.55
CA VAL A 294 11.57 6.07 -17.84
C VAL A 294 12.03 7.43 -18.38
N GLY A 295 12.09 7.56 -19.70
CA GLY A 295 12.49 8.82 -20.29
C GLY A 295 11.51 9.92 -19.92
N PHE A 296 10.22 9.60 -19.98
CA PHE A 296 9.17 10.55 -19.64
C PHE A 296 9.36 11.09 -18.21
N ILE A 297 9.75 10.22 -17.29
CA ILE A 297 9.98 10.62 -15.91
C ILE A 297 11.29 11.40 -15.74
N ASP A 298 12.39 10.85 -16.25
CA ASP A 298 13.70 11.51 -16.11
C ASP A 298 13.75 12.91 -16.70
N TYR A 299 13.19 13.07 -17.90
CA TYR A 299 13.23 14.35 -18.59
C TYR A 299 12.07 15.31 -18.44
N ILE A 300 10.93 14.83 -17.93
CA ILE A 300 9.79 15.73 -17.78
C ILE A 300 9.09 15.69 -16.43
N VAL A 301 8.60 14.52 -16.02
CA VAL A 301 7.88 14.42 -14.76
C VAL A 301 8.73 14.63 -13.50
N HIS A 302 9.88 13.98 -13.43
CA HIS A 302 10.75 14.16 -12.27
C HIS A 302 11.26 15.60 -12.16
N PRO A 303 11.74 16.20 -13.27
CA PRO A 303 12.21 17.58 -13.16
C PRO A 303 11.13 18.51 -12.62
N LEU A 304 9.90 18.28 -13.06
CA LEU A 304 8.78 19.10 -12.62
C LEU A 304 8.43 18.88 -11.16
N TRP A 305 8.24 17.63 -10.76
CA TRP A 305 7.89 17.34 -9.38
C TRP A 305 8.98 17.65 -8.36
N GLU A 306 10.23 17.55 -8.79
CA GLU A 306 11.35 17.87 -7.89
C GLU A 306 11.25 19.35 -7.54
N THR A 307 10.96 20.18 -8.54
CA THR A 307 10.83 21.62 -8.35
C THR A 307 9.61 21.96 -7.51
N TRP A 308 8.49 21.28 -7.77
CA TRP A 308 7.28 21.54 -6.98
C TRP A 308 7.53 21.14 -5.53
N ALA A 309 8.13 19.98 -5.32
CA ALA A 309 8.43 19.48 -3.98
C ALA A 309 9.37 20.44 -3.23
N ASP A 310 10.21 21.16 -3.97
CA ASP A 310 11.13 22.12 -3.36
C ASP A 310 10.32 23.34 -2.92
N LEU A 311 9.36 23.75 -3.75
CA LEU A 311 8.50 24.88 -3.45
C LEU A 311 7.62 24.65 -2.22
N VAL A 312 7.13 23.42 -2.06
CA VAL A 312 6.26 23.09 -0.93
C VAL A 312 6.88 22.12 0.09
N GLN A 313 8.19 21.95 0.05
CA GLN A 313 8.86 21.02 0.97
C GLN A 313 8.46 21.21 2.43
N PRO A 314 8.33 20.10 3.16
CA PRO A 314 8.56 18.74 2.67
C PRO A 314 7.27 17.99 2.32
N ASP A 315 6.21 18.74 2.00
CA ASP A 315 4.91 18.15 1.67
C ASP A 315 4.89 17.05 0.61
N ALA A 316 5.62 17.26 -0.49
CA ALA A 316 5.63 16.28 -1.58
C ALA A 316 6.73 15.23 -1.55
N GLN A 317 7.31 14.96 -0.38
CA GLN A 317 8.37 13.97 -0.32
C GLN A 317 7.90 12.57 -0.67
N ASP A 318 6.76 12.16 -0.10
CA ASP A 318 6.21 10.83 -0.37
C ASP A 318 5.98 10.67 -1.88
N ILE A 319 5.35 11.66 -2.49
CA ILE A 319 5.10 11.64 -3.93
C ILE A 319 6.41 11.46 -4.70
N LEU A 320 7.42 12.21 -4.31
CA LEU A 320 8.73 12.12 -4.95
C LEU A 320 9.31 10.71 -4.82
N ASP A 321 9.13 10.09 -3.65
CA ASP A 321 9.64 8.73 -3.42
C ASP A 321 8.91 7.71 -4.28
N THR A 322 7.59 7.84 -4.37
CA THR A 322 6.78 6.92 -5.17
C THR A 322 7.21 7.02 -6.64
N LEU A 323 7.39 8.25 -7.11
CA LEU A 323 7.80 8.48 -8.49
C LEU A 323 9.09 7.75 -8.81
N GLU A 324 10.12 7.99 -8.00
CA GLU A 324 11.42 7.35 -8.20
C GLU A 324 11.27 5.83 -8.08
N ASP A 325 10.44 5.37 -7.15
CA ASP A 325 10.21 3.93 -7.00
C ASP A 325 9.58 3.36 -8.28
N ASN A 326 8.59 4.05 -8.83
CA ASN A 326 7.94 3.60 -10.06
C ASN A 326 8.89 3.68 -11.25
N ARG A 327 9.70 4.73 -11.28
CA ARG A 327 10.67 4.94 -12.34
C ARG A 327 11.61 3.74 -12.41
N ASN A 328 12.18 3.35 -11.28
CA ASN A 328 13.09 2.22 -11.25
C ASN A 328 12.38 0.91 -11.61
N TRP A 329 11.10 0.79 -11.26
CA TRP A 329 10.36 -0.43 -11.60
C TRP A 329 10.27 -0.56 -13.12
N TYR A 330 9.91 0.53 -13.79
CA TYR A 330 9.82 0.54 -15.25
C TYR A 330 11.20 0.34 -15.86
N GLN A 331 12.22 0.87 -15.20
CA GLN A 331 13.61 0.75 -15.64
C GLN A 331 14.00 -0.74 -15.70
N SER A 332 13.78 -1.45 -14.60
CA SER A 332 14.14 -2.87 -14.57
C SER A 332 13.20 -3.74 -15.39
N MET A 333 12.07 -3.17 -15.82
CA MET A 333 11.11 -3.90 -16.62
C MET A 333 11.44 -3.87 -18.12
N ILE A 334 12.38 -3.01 -18.51
CA ILE A 334 12.80 -2.91 -19.91
C ILE A 334 13.49 -4.22 -20.30
N PRO A 335 12.96 -4.91 -21.33
CA PRO A 335 13.55 -6.18 -21.79
C PRO A 335 15.07 -6.13 -21.91
N GLN A 336 15.73 -7.10 -21.27
CA GLN A 336 17.19 -7.24 -21.27
C GLN A 336 17.92 -6.48 -20.16
N ALA A 337 17.34 -6.43 -18.96
CA ALA A 337 17.94 -5.73 -17.83
C ALA A 337 18.18 -6.64 -16.63
N PRO A 338 19.34 -7.33 -16.60
CA PRO A 338 19.73 -8.25 -15.51
C PRO A 338 20.23 -7.62 -14.21
N ALA A 339 19.45 -6.70 -13.65
CA ALA A 339 19.77 -6.03 -12.39
C ALA A 339 18.44 -6.09 -11.64
N PRO A 340 18.40 -6.78 -10.47
CA PRO A 340 17.15 -6.90 -9.72
C PRO A 340 15.93 -6.48 -10.55
N PRO A 341 15.61 -7.28 -11.59
CA PRO A 341 14.50 -7.09 -12.53
C PRO A 341 13.10 -7.17 -11.96
N LEU A 342 12.71 -6.19 -11.16
CA LEU A 342 11.38 -6.18 -10.59
C LEU A 342 11.06 -5.06 -9.59
N ASP A 343 12.03 -4.18 -9.29
CA ASP A 343 11.74 -3.10 -8.34
C ASP A 343 12.80 -2.04 -8.00
N GLU A 344 13.95 -2.03 -8.65
CA GLU A 344 14.96 -1.02 -8.31
C GLU A 344 16.08 -0.76 -9.31
N GLN A 345 17.25 -0.40 -8.81
CA GLN A 345 18.42 -0.10 -9.63
C GLN A 345 18.64 -1.09 -10.78
N SER B 2 12.11 -6.60 37.11
CA SER B 2 12.11 -5.12 37.29
C SER B 2 12.37 -4.40 35.95
N ILE B 3 11.75 -3.25 35.77
CA ILE B 3 11.90 -2.46 34.55
C ILE B 3 13.35 -2.02 34.32
N SER B 4 14.15 -2.03 35.39
CA SER B 4 15.56 -1.63 35.32
C SER B 4 16.33 -2.51 34.33
N ARG B 5 15.91 -3.76 34.20
CA ARG B 5 16.55 -4.70 33.28
C ARG B 5 16.54 -4.18 31.85
N PHE B 6 15.43 -3.55 31.45
CA PHE B 6 15.28 -3.00 30.10
C PHE B 6 16.12 -1.75 29.85
N GLY B 7 16.37 -0.97 30.90
CA GLY B 7 17.15 0.24 30.76
C GLY B 7 16.73 1.13 29.61
N VAL B 8 15.51 1.63 29.66
CA VAL B 8 14.98 2.51 28.61
C VAL B 8 14.77 3.92 29.16
N ASN B 9 15.17 4.93 28.38
CA ASN B 9 15.03 6.33 28.78
C ASN B 9 13.59 6.71 29.10
N THR B 10 13.41 7.89 29.69
CA THR B 10 12.09 8.40 30.04
C THR B 10 11.39 8.89 28.77
N GLU B 11 12.17 9.44 27.84
CA GLU B 11 11.63 9.93 26.58
C GLU B 11 11.13 8.73 25.79
N ASN B 12 11.96 7.69 25.71
CA ASN B 12 11.62 6.46 25.00
C ASN B 12 10.45 5.77 25.71
N GLU B 13 10.47 5.79 27.03
CA GLU B 13 9.42 5.16 27.84
C GLU B 13 8.03 5.61 27.41
N ASP B 14 7.86 6.91 27.16
CA ASP B 14 6.57 7.44 26.72
C ASP B 14 6.17 6.77 25.42
N HIS B 15 7.08 6.76 24.45
CA HIS B 15 6.82 6.15 23.15
C HIS B 15 6.51 4.66 23.28
N LEU B 16 7.27 3.97 24.14
CA LEU B 16 7.08 2.54 24.36
C LEU B 16 5.67 2.25 24.86
N ALA B 17 5.23 2.95 25.91
CA ALA B 17 3.90 2.77 26.45
C ALA B 17 2.87 3.08 25.36
N LYS B 18 3.17 4.09 24.57
CA LYS B 18 2.30 4.47 23.46
C LYS B 18 2.11 3.24 22.58
N GLU B 19 3.23 2.69 22.11
CA GLU B 19 3.23 1.51 21.26
C GLU B 19 2.48 0.34 21.91
N LEU B 20 2.80 0.06 23.17
CA LEU B 20 2.18 -1.05 23.89
C LEU B 20 0.68 -0.96 24.10
N GLU B 21 0.08 0.16 23.73
CA GLU B 21 -1.37 0.33 23.85
C GLU B 21 -2.04 -0.63 22.87
N ASP B 22 -1.34 -0.96 21.80
CA ASP B 22 -1.84 -1.86 20.77
C ASP B 22 -1.47 -3.33 21.03
N LEU B 23 -1.02 -3.63 22.25
CA LEU B 23 -0.62 -4.98 22.63
C LEU B 23 -1.63 -6.06 22.25
N ASN B 24 -2.91 -5.78 22.44
CA ASN B 24 -3.95 -6.75 22.12
C ASN B 24 -4.51 -6.54 20.70
N LYS B 25 -3.83 -5.70 19.92
CA LYS B 25 -4.27 -5.37 18.57
C LYS B 25 -3.39 -5.96 17.47
N TRP B 26 -4.03 -6.39 16.40
CA TRP B 26 -3.34 -6.97 15.26
C TRP B 26 -2.45 -5.91 14.57
N GLY B 27 -2.83 -4.65 14.72
CA GLY B 27 -2.08 -3.57 14.11
C GLY B 27 -0.87 -3.05 14.89
N LEU B 28 -0.50 -3.73 15.98
CA LEU B 28 0.66 -3.31 16.76
C LEU B 28 1.89 -3.31 15.87
N ASN B 29 2.79 -2.36 16.08
CA ASN B 29 4.01 -2.26 15.29
C ASN B 29 5.20 -2.71 16.13
N ILE B 30 5.67 -3.94 15.89
CA ILE B 30 6.79 -4.50 16.64
C ILE B 30 8.12 -3.85 16.29
N PHE B 31 8.21 -3.23 15.12
CA PHE B 31 9.42 -2.55 14.70
C PHE B 31 9.68 -1.35 15.61
N ASN B 32 8.62 -0.61 15.94
CA ASN B 32 8.73 0.54 16.82
C ASN B 32 9.11 0.07 18.22
N VAL B 33 8.40 -0.95 18.70
CA VAL B 33 8.66 -1.51 20.02
C VAL B 33 10.14 -1.84 20.21
N ALA B 34 10.75 -2.41 19.16
CA ALA B 34 12.16 -2.77 19.21
C ALA B 34 13.03 -1.51 19.31
N GLY B 35 12.68 -0.50 18.51
CA GLY B 35 13.43 0.74 18.53
C GLY B 35 13.35 1.50 19.84
N TYR B 36 12.35 1.20 20.66
CA TYR B 36 12.18 1.86 21.95
C TYR B 36 12.59 1.00 23.14
N SER B 37 13.07 -0.22 22.88
CA SER B 37 13.49 -1.12 23.94
C SER B 37 14.91 -1.62 23.73
N HIS B 38 15.73 -0.82 23.07
CA HIS B 38 17.11 -1.19 22.78
C HIS B 38 17.19 -2.57 22.14
N ASN B 39 16.42 -2.74 21.07
CA ASN B 39 16.33 -3.97 20.30
C ASN B 39 16.11 -5.23 21.14
N ARG B 40 15.15 -5.15 22.07
CA ARG B 40 14.79 -6.30 22.88
C ARG B 40 13.27 -6.47 22.79
N PRO B 41 12.73 -6.53 21.56
CA PRO B 41 11.28 -6.68 21.38
C PRO B 41 10.65 -7.95 21.95
N LEU B 42 11.35 -9.07 21.88
CA LEU B 42 10.80 -10.32 22.40
C LEU B 42 10.58 -10.28 23.90
N THR B 43 11.59 -9.84 24.64
CA THR B 43 11.48 -9.74 26.10
C THR B 43 10.43 -8.70 26.46
N CYS B 44 10.54 -7.52 25.86
CA CYS B 44 9.59 -6.45 26.13
C CYS B 44 8.15 -6.91 25.87
N ILE B 45 7.89 -7.42 24.68
CA ILE B 45 6.54 -7.86 24.32
C ILE B 45 6.07 -9.06 25.15
N MET B 46 6.97 -9.97 25.49
CA MET B 46 6.57 -11.14 26.28
C MET B 46 6.24 -10.75 27.71
N TYR B 47 7.05 -9.87 28.28
CA TYR B 47 6.83 -9.39 29.63
C TYR B 47 5.48 -8.69 29.67
N ALA B 48 5.21 -7.88 28.66
CA ALA B 48 3.96 -7.15 28.56
C ALA B 48 2.79 -8.13 28.45
N ILE B 49 2.95 -9.17 27.63
CA ILE B 49 1.92 -10.17 27.45
C ILE B 49 1.62 -10.96 28.72
N PHE B 50 2.67 -11.31 29.45
CA PHE B 50 2.52 -12.07 30.69
C PHE B 50 1.84 -11.24 31.78
N GLN B 51 2.09 -9.94 31.77
CA GLN B 51 1.46 -9.05 32.75
C GLN B 51 -0.03 -9.00 32.39
N GLU B 52 -0.29 -8.70 31.13
CA GLU B 52 -1.65 -8.63 30.58
C GLU B 52 -2.50 -9.83 30.98
N ARG B 53 -1.95 -11.03 30.84
CA ARG B 53 -2.69 -12.24 31.18
C ARG B 53 -2.46 -12.72 32.61
N ASP B 54 -1.65 -11.98 33.37
CA ASP B 54 -1.36 -12.32 34.75
C ASP B 54 -0.80 -13.75 34.88
N LEU B 55 -0.09 -14.20 33.84
CA LEU B 55 0.50 -15.54 33.83
C LEU B 55 1.61 -15.68 34.86
N LEU B 56 2.28 -14.57 35.18
CA LEU B 56 3.36 -14.60 36.17
C LEU B 56 2.78 -15.03 37.52
N LYS B 57 1.63 -14.47 37.89
CA LYS B 57 0.97 -14.81 39.14
C LYS B 57 0.40 -16.21 39.10
N THR B 58 -0.35 -16.51 38.06
CA THR B 58 -0.96 -17.82 37.92
C THR B 58 0.03 -18.98 38.08
N PHE B 59 1.23 -18.82 37.51
CA PHE B 59 2.23 -19.88 37.58
C PHE B 59 3.43 -19.61 38.48
N ARG B 60 3.27 -18.66 39.40
CA ARG B 60 4.31 -18.30 40.35
C ARG B 60 5.69 -18.06 39.75
N ILE B 61 5.73 -17.30 38.65
CA ILE B 61 6.99 -16.97 38.00
C ILE B 61 7.39 -15.58 38.44
N SER B 62 8.54 -15.45 39.09
CA SER B 62 9.00 -14.13 39.54
C SER B 62 9.44 -13.34 38.32
N SER B 63 9.32 -12.02 38.40
CA SER B 63 9.73 -11.15 37.30
C SER B 63 11.21 -11.30 36.99
N ASP B 64 12.02 -11.52 38.02
CA ASP B 64 13.45 -11.67 37.81
C ASP B 64 13.76 -12.94 37.03
N THR B 65 13.13 -14.05 37.39
CA THR B 65 13.33 -15.30 36.68
C THR B 65 12.89 -15.13 35.22
N PHE B 66 11.66 -14.67 35.03
CA PHE B 66 11.10 -14.47 33.70
C PHE B 66 11.97 -13.60 32.80
N ILE B 67 12.29 -12.41 33.26
CA ILE B 67 13.13 -11.51 32.47
C ILE B 67 14.49 -12.13 32.19
N THR B 68 15.08 -12.80 33.18
CA THR B 68 16.38 -13.42 32.97
C THR B 68 16.29 -14.49 31.87
N TYR B 69 15.24 -15.31 31.92
CA TYR B 69 15.08 -16.34 30.90
C TYR B 69 14.87 -15.70 29.54
N MET B 70 13.93 -14.75 29.47
CA MET B 70 13.64 -14.07 28.20
C MET B 70 14.85 -13.36 27.60
N MET B 71 15.64 -12.67 28.42
CA MET B 71 16.82 -11.99 27.91
C MET B 71 17.83 -13.01 27.37
N THR B 72 17.92 -14.16 28.03
CA THR B 72 18.84 -15.21 27.60
C THR B 72 18.33 -15.80 26.28
N LEU B 73 17.04 -16.08 26.21
CA LEU B 73 16.42 -16.62 25.01
C LEU B 73 16.64 -15.65 23.85
N GLU B 74 16.28 -14.39 24.07
CA GLU B 74 16.43 -13.37 23.05
C GLU B 74 17.87 -13.28 22.57
N ASP B 75 18.83 -13.40 23.48
CA ASP B 75 20.23 -13.35 23.07
C ASP B 75 20.64 -14.52 22.19
N HIS B 76 19.85 -15.60 22.21
CA HIS B 76 20.16 -16.75 21.38
C HIS B 76 19.54 -16.66 19.99
N TYR B 77 18.91 -15.54 19.70
CA TYR B 77 18.38 -15.28 18.37
C TYR B 77 19.53 -14.50 17.73
N HIS B 78 19.81 -14.78 16.46
CA HIS B 78 20.89 -14.15 15.73
C HIS B 78 20.44 -12.81 15.15
N SER B 79 20.94 -11.71 15.72
CA SER B 79 20.58 -10.39 15.24
C SER B 79 21.08 -10.11 13.82
N ASP B 80 22.10 -10.85 13.38
CA ASP B 80 22.64 -10.67 12.04
C ASP B 80 21.93 -11.55 10.99
N VAL B 81 20.86 -12.21 11.40
CA VAL B 81 20.04 -13.01 10.49
C VAL B 81 18.91 -12.02 10.21
N ALA B 82 18.75 -11.63 8.95
CA ALA B 82 17.74 -10.64 8.57
C ALA B 82 16.29 -10.87 8.96
N TYR B 83 15.81 -12.10 8.83
CA TYR B 83 14.41 -12.37 9.16
C TYR B 83 14.18 -13.16 10.44
N HIS B 84 14.79 -14.34 10.54
CA HIS B 84 14.61 -15.18 11.72
C HIS B 84 15.43 -14.76 12.94
N ASN B 85 15.12 -13.57 13.45
CA ASN B 85 15.78 -12.98 14.61
C ASN B 85 14.70 -12.76 15.68
N SER B 86 15.07 -12.13 16.80
CA SER B 86 14.10 -11.93 17.88
C SER B 86 12.89 -11.09 17.46
N LEU B 87 13.09 -10.19 16.50
CA LEU B 87 11.99 -9.37 16.02
C LEU B 87 10.87 -10.28 15.48
N HIS B 88 11.25 -11.26 14.66
CA HIS B 88 10.27 -12.19 14.10
C HIS B 88 9.62 -12.99 15.24
N ALA B 89 10.43 -13.43 16.20
CA ALA B 89 9.90 -14.19 17.31
C ALA B 89 8.90 -13.35 18.13
N ALA B 90 9.27 -12.10 18.42
CA ALA B 90 8.40 -11.21 19.16
C ALA B 90 7.08 -11.05 18.40
N ASP B 91 7.21 -10.90 17.09
CA ASP B 91 6.05 -10.74 16.23
C ASP B 91 5.12 -11.94 16.30
N VAL B 92 5.66 -13.15 16.24
CA VAL B 92 4.82 -14.34 16.30
C VAL B 92 4.19 -14.53 17.67
N ALA B 93 4.89 -14.10 18.71
CA ALA B 93 4.38 -14.21 20.08
C ALA B 93 3.20 -13.25 20.25
N GLN B 94 3.40 -12.00 19.84
CA GLN B 94 2.34 -10.99 19.95
C GLN B 94 1.14 -11.38 19.09
N SER B 95 1.39 -11.89 17.89
CA SER B 95 0.29 -12.29 17.01
C SER B 95 -0.47 -13.46 17.65
N THR B 96 0.26 -14.40 18.24
CA THR B 96 -0.37 -15.55 18.91
C THR B 96 -1.22 -15.05 20.07
N HIS B 97 -0.68 -14.06 20.79
CA HIS B 97 -1.36 -13.43 21.92
C HIS B 97 -2.71 -12.91 21.45
N VAL B 98 -2.73 -12.26 20.30
CA VAL B 98 -3.97 -11.73 19.73
C VAL B 98 -4.91 -12.85 19.32
N LEU B 99 -4.41 -13.83 18.57
CA LEU B 99 -5.24 -14.94 18.12
C LEU B 99 -5.88 -15.74 19.26
N LEU B 100 -5.19 -15.83 20.40
CA LEU B 100 -5.71 -16.54 21.56
C LEU B 100 -6.93 -15.80 22.11
N SER B 101 -6.91 -14.48 21.98
CA SER B 101 -8.02 -13.65 22.47
C SER B 101 -9.11 -13.41 21.43
N THR B 102 -9.22 -14.30 20.44
CA THR B 102 -10.25 -14.13 19.41
C THR B 102 -11.59 -14.65 19.96
N PRO B 103 -12.63 -13.80 19.92
CA PRO B 103 -13.97 -14.11 20.40
C PRO B 103 -14.47 -15.54 20.17
N ALA B 104 -14.24 -16.07 18.97
CA ALA B 104 -14.67 -17.42 18.63
C ALA B 104 -14.03 -18.53 19.48
N LEU B 105 -13.02 -18.19 20.27
CA LEU B 105 -12.34 -19.17 21.12
C LEU B 105 -12.38 -18.77 22.60
N ASP B 106 -13.26 -17.84 22.96
CA ASP B 106 -13.37 -17.37 24.33
C ASP B 106 -13.51 -18.52 25.33
N ALA B 107 -12.68 -18.50 26.37
CA ALA B 107 -12.69 -19.51 27.42
C ALA B 107 -12.53 -20.96 26.96
N VAL B 108 -11.90 -21.18 25.81
CA VAL B 108 -11.72 -22.54 25.31
C VAL B 108 -10.46 -23.19 25.89
N PHE B 109 -9.42 -22.39 26.04
CA PHE B 109 -8.14 -22.88 26.55
C PHE B 109 -7.87 -22.53 28.00
N THR B 110 -7.23 -23.47 28.71
CA THR B 110 -6.87 -23.27 30.11
C THR B 110 -5.67 -22.31 30.14
N ASP B 111 -5.27 -21.88 31.33
CA ASP B 111 -4.13 -20.98 31.45
C ASP B 111 -2.81 -21.69 31.11
N LEU B 112 -2.78 -23.02 31.21
CA LEU B 112 -1.58 -23.77 30.90
C LEU B 112 -1.40 -23.86 29.37
N GLU B 113 -2.50 -24.14 28.68
CA GLU B 113 -2.46 -24.23 27.22
C GLU B 113 -2.09 -22.87 26.63
N ILE B 114 -2.57 -21.80 27.25
CA ILE B 114 -2.27 -20.44 26.79
C ILE B 114 -0.78 -20.18 27.03
N LEU B 115 -0.28 -20.59 28.19
CA LEU B 115 1.13 -20.42 28.53
C LEU B 115 2.01 -21.14 27.50
N ALA B 116 1.58 -22.34 27.12
CA ALA B 116 2.31 -23.17 26.16
C ALA B 116 2.38 -22.49 24.79
N ALA B 117 1.23 -22.08 24.28
CA ALA B 117 1.16 -21.43 22.97
C ALA B 117 2.07 -20.21 22.87
N ILE B 118 2.03 -19.33 23.87
CA ILE B 118 2.85 -18.13 23.84
C ILE B 118 4.35 -18.42 23.96
N PHE B 119 4.70 -19.36 24.84
CA PHE B 119 6.09 -19.76 25.04
C PHE B 119 6.60 -20.38 23.73
N ALA B 120 5.79 -21.26 23.14
CA ALA B 120 6.15 -21.91 21.89
C ALA B 120 6.48 -20.90 20.81
N ALA B 121 5.66 -19.86 20.70
CA ALA B 121 5.88 -18.82 19.70
C ALA B 121 7.17 -18.06 20.00
N ALA B 122 7.44 -17.80 21.26
CA ALA B 122 8.66 -17.08 21.65
C ALA B 122 9.94 -17.85 21.33
N ILE B 123 9.91 -19.16 21.47
CA ILE B 123 11.11 -19.98 21.23
C ILE B 123 11.15 -20.70 19.89
N HIS B 124 10.08 -20.60 19.09
CA HIS B 124 10.02 -21.36 17.86
C HIS B 124 11.13 -21.22 16.81
N ASP B 125 11.92 -20.15 16.84
CA ASP B 125 13.03 -19.99 15.89
C ASP B 125 14.36 -19.69 16.58
N VAL B 126 14.44 -19.91 17.88
CA VAL B 126 15.67 -19.62 18.60
C VAL B 126 16.91 -20.30 18.02
N ASP B 127 17.99 -19.55 17.92
CA ASP B 127 19.27 -20.02 17.37
C ASP B 127 19.20 -20.36 15.87
N HIS B 128 18.33 -19.67 15.15
CA HIS B 128 18.19 -19.89 13.71
C HIS B 128 19.45 -19.33 13.06
N PRO B 129 20.13 -20.15 12.23
CA PRO B 129 21.36 -19.75 11.54
C PRO B 129 21.17 -18.95 10.25
N GLY B 130 19.93 -18.80 9.81
CA GLY B 130 19.68 -18.05 8.59
C GLY B 130 19.65 -18.88 7.31
N VAL B 131 19.70 -20.20 7.45
CA VAL B 131 19.64 -21.11 6.29
C VAL B 131 18.57 -22.18 6.54
N SER B 132 18.08 -22.76 5.46
CA SER B 132 17.02 -23.76 5.55
C SER B 132 17.52 -25.11 6.03
N ASN B 133 16.58 -25.98 6.39
CA ASN B 133 16.92 -27.32 6.80
C ASN B 133 17.66 -28.02 5.68
N GLN B 134 17.19 -27.85 4.44
CA GLN B 134 17.82 -28.50 3.31
C GLN B 134 19.29 -28.10 3.17
N PHE B 135 19.61 -26.84 3.45
CA PHE B 135 20.99 -26.37 3.38
C PHE B 135 21.83 -27.10 4.44
N LEU B 136 21.26 -27.27 5.64
CA LEU B 136 21.98 -27.96 6.71
C LEU B 136 22.21 -29.43 6.33
N ILE B 137 21.18 -30.06 5.76
CA ILE B 137 21.27 -31.45 5.34
C ILE B 137 22.27 -31.66 4.21
N ASN B 138 22.25 -30.78 3.22
CA ASN B 138 23.17 -30.89 2.08
C ASN B 138 24.63 -30.61 2.40
N THR B 139 24.89 -29.81 3.43
CA THR B 139 26.27 -29.51 3.82
C THR B 139 26.78 -30.50 4.87
N ASN B 140 25.95 -31.49 5.21
CA ASN B 140 26.30 -32.49 6.21
C ASN B 140 26.62 -31.84 7.55
N SER B 141 25.83 -30.84 7.93
CA SER B 141 26.06 -30.16 9.19
C SER B 141 25.85 -31.09 10.38
N GLU B 142 26.52 -30.77 11.47
CA GLU B 142 26.42 -31.55 12.69
C GLU B 142 24.97 -31.63 13.13
N LEU B 143 24.25 -30.53 12.99
CA LEU B 143 22.86 -30.47 13.38
C LEU B 143 21.98 -31.47 12.62
N ALA B 144 22.16 -31.56 11.31
CA ALA B 144 21.36 -32.49 10.51
C ALA B 144 21.72 -33.93 10.86
N LEU B 145 23.00 -34.19 11.13
CA LEU B 145 23.42 -35.54 11.50
C LEU B 145 22.79 -35.90 12.84
N MET B 146 22.73 -34.93 13.76
CA MET B 146 22.16 -35.15 15.07
C MET B 146 20.66 -35.49 15.02
N TYR B 147 19.92 -34.77 14.17
CA TYR B 147 18.48 -34.96 14.05
C TYR B 147 17.99 -35.80 12.89
N ASN B 148 18.89 -36.58 12.31
CA ASN B 148 18.55 -37.46 11.21
C ASN B 148 17.74 -36.81 10.08
N ASP B 149 18.14 -35.60 9.72
CA ASP B 149 17.52 -34.83 8.63
C ASP B 149 16.02 -34.49 8.73
N GLU B 150 15.37 -34.82 9.83
CA GLU B 150 13.95 -34.52 9.94
C GLU B 150 13.70 -33.33 10.87
N SER B 151 12.98 -32.33 10.36
CA SER B 151 12.68 -31.10 11.10
C SER B 151 13.90 -30.68 11.91
N VAL B 152 15.06 -30.63 11.25
CA VAL B 152 16.31 -30.30 11.91
C VAL B 152 16.27 -29.04 12.75
N LEU B 153 16.00 -27.90 12.13
CA LEU B 153 15.94 -26.63 12.84
C LEU B 153 14.86 -26.58 13.93
N GLU B 154 13.68 -27.09 13.63
CA GLU B 154 12.58 -27.08 14.60
C GLU B 154 12.94 -27.89 15.86
N ASN B 155 13.57 -29.05 15.68
CA ASN B 155 13.99 -29.86 16.82
C ASN B 155 15.04 -29.08 17.61
N HIS B 156 15.92 -28.38 16.90
CA HIS B 156 16.97 -27.60 17.54
C HIS B 156 16.39 -26.42 18.33
N HIS B 157 15.41 -25.73 17.75
CA HIS B 157 14.78 -24.59 18.40
C HIS B 157 14.21 -25.07 19.75
N LEU B 158 13.49 -26.18 19.73
CA LEU B 158 12.91 -26.75 20.96
C LEU B 158 13.98 -27.12 21.98
N ALA B 159 15.02 -27.84 21.54
CA ALA B 159 16.09 -28.26 22.44
C ALA B 159 16.76 -27.07 23.13
N VAL B 160 16.99 -26.01 22.37
CA VAL B 160 17.64 -24.82 22.93
C VAL B 160 16.68 -24.09 23.86
N GLY B 161 15.43 -23.91 23.42
CA GLY B 161 14.46 -23.24 24.25
C GLY B 161 14.36 -23.84 25.64
N PHE B 162 14.29 -25.17 25.72
CA PHE B 162 14.19 -25.85 27.01
C PHE B 162 15.51 -25.92 27.77
N LYS B 163 16.61 -26.10 27.04
CA LYS B 163 17.92 -26.19 27.67
C LYS B 163 18.26 -24.89 28.39
N LEU B 164 17.88 -23.75 27.82
CA LEU B 164 18.17 -22.46 28.43
C LEU B 164 17.49 -22.30 29.78
N LEU B 165 16.50 -23.13 30.07
CA LEU B 165 15.80 -23.09 31.36
C LEU B 165 16.79 -23.47 32.47
N GLN B 166 17.80 -24.26 32.11
CA GLN B 166 18.81 -24.73 33.04
C GLN B 166 19.88 -23.71 33.41
N GLU B 167 19.95 -22.58 32.71
CA GLU B 167 20.94 -21.58 33.03
C GLU B 167 20.54 -20.85 34.32
N GLU B 168 21.50 -20.21 34.98
CA GLU B 168 21.25 -19.53 36.25
C GLU B 168 20.02 -18.63 36.31
N HIS B 169 19.08 -18.98 37.19
CA HIS B 169 17.84 -18.22 37.39
C HIS B 169 16.94 -18.16 36.17
N CYS B 170 16.98 -19.18 35.32
CA CYS B 170 16.16 -19.18 34.11
C CYS B 170 14.98 -20.14 34.08
N ASP B 171 14.77 -20.90 35.16
CA ASP B 171 13.68 -21.86 35.16
C ASP B 171 12.33 -21.24 35.48
N ILE B 172 11.65 -20.75 34.45
CA ILE B 172 10.35 -20.13 34.62
C ILE B 172 9.25 -21.14 34.92
N PHE B 173 9.55 -22.43 34.76
CA PHE B 173 8.56 -23.47 35.02
C PHE B 173 8.82 -24.19 36.35
N MET B 174 9.73 -23.65 37.14
CA MET B 174 10.09 -24.25 38.42
C MET B 174 8.88 -24.48 39.33
N ASN B 175 7.97 -23.51 39.40
CA ASN B 175 6.81 -23.63 40.25
C ASN B 175 5.56 -24.29 39.68
N LEU B 176 5.68 -24.96 38.55
CA LEU B 176 4.54 -25.66 37.97
C LEU B 176 4.60 -27.06 38.56
N THR B 177 3.47 -27.77 38.61
CA THR B 177 3.48 -29.13 39.14
C THR B 177 4.14 -30.03 38.10
N LYS B 178 4.53 -31.24 38.50
CA LYS B 178 5.16 -32.17 37.56
C LYS B 178 4.25 -32.40 36.37
N LYS B 179 2.97 -32.64 36.65
CA LYS B 179 1.96 -32.89 35.61
C LYS B 179 1.85 -31.72 34.64
N GLN B 180 1.89 -30.51 35.17
CA GLN B 180 1.80 -29.31 34.34
C GLN B 180 3.01 -29.18 33.42
N ARG B 181 4.20 -29.40 33.96
CA ARG B 181 5.40 -29.32 33.14
C ARG B 181 5.38 -30.35 32.02
N GLN B 182 4.96 -31.57 32.32
CA GLN B 182 4.89 -32.60 31.29
C GLN B 182 3.81 -32.29 30.24
N THR B 183 2.68 -31.75 30.67
CA THR B 183 1.62 -31.42 29.72
C THR B 183 2.07 -30.25 28.85
N LEU B 184 2.64 -29.23 29.46
CA LEU B 184 3.12 -28.07 28.73
C LEU B 184 4.19 -28.48 27.73
N ARG B 185 5.19 -29.20 28.21
CA ARG B 185 6.28 -29.65 27.35
C ARG B 185 5.75 -30.40 26.13
N LYS B 186 4.78 -31.29 26.34
CA LYS B 186 4.21 -32.05 25.22
C LYS B 186 3.57 -31.10 24.19
N MET B 187 2.83 -30.11 24.69
CA MET B 187 2.14 -29.16 23.82
C MET B 187 3.10 -28.26 23.05
N VAL B 188 4.08 -27.70 23.75
CA VAL B 188 5.07 -26.82 23.14
C VAL B 188 5.81 -27.54 22.01
N ILE B 189 6.26 -28.78 22.28
CA ILE B 189 6.96 -29.56 21.28
C ILE B 189 6.08 -29.75 20.04
N ASP B 190 4.83 -30.12 20.26
CA ASP B 190 3.87 -30.32 19.17
C ASP B 190 3.75 -29.04 18.32
N MET B 191 3.52 -27.91 18.97
CA MET B 191 3.37 -26.64 18.27
C MET B 191 4.61 -26.22 17.50
N VAL B 192 5.78 -26.26 18.13
CA VAL B 192 6.99 -25.85 17.42
C VAL B 192 7.29 -26.77 16.24
N LEU B 193 7.13 -28.08 16.43
CA LEU B 193 7.39 -29.02 15.34
C LEU B 193 6.43 -28.77 14.16
N ALA B 194 5.25 -28.25 14.46
CA ALA B 194 4.25 -27.95 13.42
C ALA B 194 4.61 -26.74 12.57
N THR B 195 5.57 -25.94 13.02
CA THR B 195 5.99 -24.77 12.25
C THR B 195 6.89 -25.13 11.07
N ASP B 196 7.26 -26.41 10.97
CA ASP B 196 8.11 -26.90 9.87
C ASP B 196 7.25 -26.78 8.62
N MET B 197 7.64 -25.93 7.68
CA MET B 197 6.86 -25.74 6.46
C MET B 197 6.58 -27.00 5.65
N SER B 198 7.36 -28.06 5.85
CA SER B 198 7.13 -29.30 5.12
C SER B 198 5.85 -29.98 5.61
N LYS B 199 5.36 -29.58 6.79
CA LYS B 199 4.15 -30.15 7.36
C LYS B 199 2.91 -29.29 7.03
N HIS B 200 3.11 -28.19 6.31
CA HIS B 200 2.01 -27.30 5.96
C HIS B 200 0.77 -27.95 5.34
N MET B 201 0.93 -28.66 4.24
CA MET B 201 -0.22 -29.29 3.60
C MET B 201 -0.99 -30.20 4.55
N SER B 202 -0.27 -31.06 5.27
CA SER B 202 -0.92 -31.96 6.21
C SER B 202 -1.71 -31.16 7.24
N LEU B 203 -1.09 -30.14 7.82
CA LEU B 203 -1.77 -29.30 8.81
C LEU B 203 -3.04 -28.66 8.26
N LEU B 204 -2.95 -28.09 7.06
CA LEU B 204 -4.10 -27.45 6.44
C LEU B 204 -5.23 -28.44 6.23
N ALA B 205 -4.93 -29.55 5.54
CA ALA B 205 -5.94 -30.57 5.26
C ALA B 205 -6.64 -30.99 6.55
N ASP B 206 -5.83 -31.32 7.56
CA ASP B 206 -6.36 -31.74 8.86
C ASP B 206 -7.21 -30.64 9.49
N LEU B 207 -6.81 -29.39 9.29
CA LEU B 207 -7.57 -28.26 9.82
C LEU B 207 -8.90 -28.16 9.09
N LYS B 208 -8.89 -28.46 7.79
CA LYS B 208 -10.09 -28.41 6.98
C LYS B 208 -11.08 -29.48 7.43
N THR B 209 -10.59 -30.71 7.61
CA THR B 209 -11.43 -31.81 8.04
C THR B 209 -12.05 -31.53 9.41
N MET B 210 -11.41 -30.67 10.20
CA MET B 210 -11.93 -30.31 11.51
C MET B 210 -13.06 -29.29 11.35
N VAL B 211 -12.93 -28.42 10.36
CA VAL B 211 -13.95 -27.42 10.09
C VAL B 211 -15.22 -28.08 9.56
N GLU B 212 -15.06 -29.14 8.78
CA GLU B 212 -16.19 -29.87 8.23
C GLU B 212 -17.08 -30.39 9.36
N THR B 213 -16.51 -31.22 10.24
CA THR B 213 -17.25 -31.77 11.37
C THR B 213 -17.21 -30.83 12.58
N LYS B 214 -16.96 -29.56 12.32
CA LYS B 214 -16.88 -28.53 13.35
C LYS B 214 -18.12 -28.47 14.24
N LYS B 215 -17.90 -28.55 15.54
CA LYS B 215 -19.01 -28.46 16.49
C LYS B 215 -18.95 -27.07 17.12
N VAL B 216 -20.04 -26.33 16.99
CA VAL B 216 -20.11 -24.99 17.54
C VAL B 216 -21.33 -24.80 18.45
N THR B 217 -21.11 -24.16 19.59
CA THR B 217 -22.22 -23.91 20.52
C THR B 217 -23.20 -22.97 19.83
N SER B 218 -24.39 -22.83 20.39
CA SER B 218 -25.38 -21.94 19.81
C SER B 218 -24.96 -20.48 19.93
N SER B 219 -24.08 -20.19 20.88
CA SER B 219 -23.59 -18.83 21.11
C SER B 219 -22.42 -18.45 20.20
N GLY B 220 -22.20 -19.22 19.15
CA GLY B 220 -21.13 -18.94 18.21
C GLY B 220 -19.72 -19.40 18.58
N VAL B 221 -19.43 -19.47 19.87
CA VAL B 221 -18.10 -19.88 20.34
C VAL B 221 -17.79 -21.35 20.04
N LEU B 222 -16.57 -21.60 19.59
CA LEU B 222 -16.11 -22.95 19.27
C LEU B 222 -16.16 -23.87 20.48
N LEU B 223 -16.48 -25.13 20.24
CA LEU B 223 -16.57 -26.12 21.31
C LEU B 223 -15.58 -27.24 21.02
N LEU B 224 -14.59 -27.39 21.88
CA LEU B 224 -13.57 -28.43 21.72
C LEU B 224 -13.51 -29.30 22.96
N ASP B 225 -14.25 -30.40 22.95
CA ASP B 225 -14.29 -31.33 24.08
C ASP B 225 -13.29 -32.47 23.88
N ASN B 226 -12.07 -32.13 23.48
CA ASN B 226 -11.06 -33.15 23.22
C ASN B 226 -9.66 -32.53 23.27
N TYR B 227 -8.69 -33.26 23.82
CA TYR B 227 -7.32 -32.76 23.86
C TYR B 227 -6.78 -32.69 22.44
N THR B 228 -6.98 -33.78 21.70
CA THR B 228 -6.53 -33.87 20.33
C THR B 228 -6.99 -32.65 19.52
N ASP B 229 -8.25 -32.26 19.72
CA ASP B 229 -8.81 -31.12 19.00
C ASP B 229 -8.24 -29.80 19.49
N ARG B 230 -8.10 -29.64 20.80
CA ARG B 230 -7.53 -28.42 21.35
C ARG B 230 -6.12 -28.16 20.83
N ILE B 231 -5.26 -29.17 20.88
CA ILE B 231 -3.89 -29.01 20.42
C ILE B 231 -3.83 -28.85 18.90
N GLN B 232 -4.81 -29.42 18.20
CA GLN B 232 -4.86 -29.29 16.76
C GLN B 232 -5.06 -27.81 16.41
N VAL B 233 -5.94 -27.14 17.15
CA VAL B 233 -6.19 -25.72 16.92
C VAL B 233 -4.97 -24.88 17.33
N LEU B 234 -4.39 -25.16 18.49
CA LEU B 234 -3.22 -24.43 18.95
C LEU B 234 -2.05 -24.60 17.97
N ARG B 235 -2.00 -25.77 17.35
CA ARG B 235 -0.97 -26.13 16.37
C ARG B 235 -1.11 -25.21 15.15
N ASN B 236 -2.35 -25.08 14.66
CA ASN B 236 -2.62 -24.22 13.50
C ASN B 236 -2.53 -22.74 13.82
N MET B 237 -2.83 -22.36 15.07
CA MET B 237 -2.78 -20.96 15.49
C MET B 237 -1.36 -20.38 15.44
N VAL B 238 -0.41 -21.10 16.05
CA VAL B 238 0.97 -20.64 16.03
C VAL B 238 1.48 -20.64 14.60
N HIS B 239 1.01 -21.60 13.80
CA HIS B 239 1.40 -21.69 12.40
C HIS B 239 0.88 -20.48 11.63
N CYS B 240 -0.36 -20.08 11.89
CA CYS B 240 -0.94 -18.91 11.23
C CYS B 240 -0.16 -17.66 11.66
N ALA B 241 0.17 -17.58 12.94
CA ALA B 241 0.92 -16.44 13.45
C ALA B 241 2.27 -16.37 12.73
N ASP B 242 2.90 -17.52 12.53
CA ASP B 242 4.19 -17.57 11.85
C ASP B 242 4.05 -17.09 10.40
N LEU B 243 2.90 -17.36 9.78
CA LEU B 243 2.64 -16.93 8.40
C LEU B 243 1.61 -15.78 8.41
N SER B 244 1.82 -14.82 9.32
CA SER B 244 0.90 -13.70 9.45
C SER B 244 1.36 -12.41 8.79
N ASN B 245 2.63 -12.37 8.38
CA ASN B 245 3.16 -11.16 7.75
C ASN B 245 2.27 -10.54 6.67
N PRO B 246 1.80 -11.36 5.70
CA PRO B 246 0.94 -10.78 4.65
C PRO B 246 -0.43 -10.30 5.09
N THR B 247 -0.80 -10.54 6.35
CA THR B 247 -2.10 -10.12 6.87
C THR B 247 -2.01 -8.84 7.70
N LYS B 248 -0.81 -8.27 7.80
CA LYS B 248 -0.61 -7.05 8.55
C LYS B 248 -0.70 -5.86 7.58
N SER B 249 -0.73 -4.64 8.11
CA SER B 249 -0.82 -3.47 7.25
C SER B 249 0.34 -3.52 6.27
N LEU B 250 0.13 -3.00 5.06
CA LEU B 250 1.16 -3.00 4.03
C LEU B 250 2.50 -2.51 4.54
N GLU B 251 2.49 -1.41 5.30
CA GLU B 251 3.71 -0.84 5.85
C GLU B 251 4.57 -1.89 6.57
N LEU B 252 3.92 -2.77 7.32
CA LEU B 252 4.63 -3.83 8.04
C LEU B 252 5.02 -4.96 7.09
N TYR B 253 4.03 -5.45 6.34
CA TYR B 253 4.24 -6.54 5.40
C TYR B 253 5.47 -6.29 4.49
N ARG B 254 5.62 -5.08 3.99
CA ARG B 254 6.76 -4.76 3.13
C ARG B 254 8.11 -4.90 3.84
N GLN B 255 8.15 -4.57 5.13
CA GLN B 255 9.39 -4.70 5.89
C GLN B 255 9.72 -6.17 6.11
N TRP B 256 8.70 -6.99 6.32
CA TRP B 256 8.89 -8.42 6.51
C TRP B 256 9.40 -9.05 5.21
N THR B 257 8.84 -8.60 4.07
CA THR B 257 9.26 -9.13 2.78
C THR B 257 10.73 -8.80 2.50
N ASP B 258 11.14 -7.56 2.80
CA ASP B 258 12.53 -7.18 2.58
C ASP B 258 13.48 -8.01 3.45
N ARG B 259 13.04 -8.36 4.66
CA ARG B 259 13.87 -9.14 5.56
C ARG B 259 14.00 -10.59 5.11
N ILE B 260 12.89 -11.22 4.75
CA ILE B 260 12.95 -12.60 4.31
C ILE B 260 13.72 -12.71 3.00
N MET B 261 13.61 -11.72 2.12
CA MET B 261 14.33 -11.78 0.87
C MET B 261 15.83 -11.58 1.12
N GLU B 262 16.16 -10.69 2.05
CA GLU B 262 17.57 -10.46 2.37
C GLU B 262 18.18 -11.76 2.93
N GLU B 263 17.42 -12.48 3.76
CA GLU B 263 17.93 -13.73 4.33
C GLU B 263 18.08 -14.79 3.25
N PHE B 264 17.07 -14.89 2.38
CA PHE B 264 17.09 -15.84 1.27
C PHE B 264 18.28 -15.59 0.34
N PHE B 265 18.49 -14.32 -0.01
CA PHE B 265 19.61 -13.99 -0.89
C PHE B 265 20.94 -14.28 -0.21
N GLN B 266 20.99 -14.11 1.11
CA GLN B 266 22.21 -14.39 1.86
C GLN B 266 22.51 -15.90 1.78
N GLN B 267 21.48 -16.72 1.88
CA GLN B 267 21.68 -18.16 1.77
C GLN B 267 22.19 -18.42 0.36
N GLY B 268 21.58 -17.75 -0.61
CA GLY B 268 22.01 -17.90 -1.99
C GLY B 268 23.48 -17.58 -2.12
N ASP B 269 23.93 -16.48 -1.49
CA ASP B 269 25.34 -16.10 -1.53
C ASP B 269 26.21 -17.18 -0.88
N LYS B 270 25.77 -17.69 0.28
CA LYS B 270 26.51 -18.74 0.97
C LYS B 270 26.64 -19.96 0.06
N GLU B 271 25.53 -20.34 -0.58
CA GLU B 271 25.51 -21.47 -1.48
C GLU B 271 26.49 -21.23 -2.62
N ARG B 272 26.54 -19.99 -3.10
CA ARG B 272 27.46 -19.62 -4.18
C ARG B 272 28.89 -19.81 -3.67
N GLU B 273 29.20 -19.17 -2.54
CA GLU B 273 30.52 -19.23 -1.92
C GLU B 273 31.04 -20.63 -1.64
N ARG B 274 30.15 -21.59 -1.39
CA ARG B 274 30.56 -22.96 -1.08
C ARG B 274 30.43 -23.93 -2.25
N GLY B 275 30.45 -23.40 -3.47
CA GLY B 275 30.34 -24.26 -4.64
C GLY B 275 29.02 -24.99 -4.78
N MET B 276 28.03 -24.60 -4.00
CA MET B 276 26.72 -25.22 -4.06
C MET B 276 25.92 -24.52 -5.16
N GLU B 277 24.89 -25.19 -5.67
CA GLU B 277 24.08 -24.62 -6.73
C GLU B 277 23.44 -23.28 -6.30
N ILE B 278 22.13 -23.28 -6.08
CA ILE B 278 21.37 -22.10 -5.67
C ILE B 278 19.90 -22.49 -5.49
N SER B 279 19.37 -22.30 -4.29
CA SER B 279 17.98 -22.66 -3.99
C SER B 279 16.96 -21.69 -4.63
N PRO B 280 15.72 -22.14 -4.77
CA PRO B 280 14.64 -21.33 -5.37
C PRO B 280 14.45 -19.99 -4.67
N MET B 281 14.31 -18.93 -5.45
CA MET B 281 14.10 -17.59 -4.91
C MET B 281 15.27 -17.09 -4.05
N CYS B 282 16.43 -17.74 -4.17
CA CYS B 282 17.60 -17.35 -3.39
C CYS B 282 18.68 -16.67 -4.22
N ASP B 283 18.47 -16.56 -5.53
CA ASP B 283 19.44 -15.90 -6.40
C ASP B 283 18.99 -14.45 -6.54
N LYS B 284 19.71 -13.55 -5.86
CA LYS B 284 19.39 -12.12 -5.84
C LYS B 284 19.19 -11.41 -7.18
N HIS B 285 19.74 -11.95 -8.26
CA HIS B 285 19.59 -11.29 -9.56
C HIS B 285 18.48 -11.83 -10.46
N THR B 286 18.16 -13.11 -10.34
CA THR B 286 17.11 -13.71 -11.15
C THR B 286 15.81 -13.97 -10.38
N ALA B 287 15.77 -13.56 -9.12
CA ALA B 287 14.60 -13.79 -8.30
C ALA B 287 13.66 -12.58 -8.30
N SER B 288 12.38 -12.85 -8.51
CA SER B 288 11.38 -11.78 -8.49
C SER B 288 10.68 -11.79 -7.15
N VAL B 289 11.00 -10.80 -6.32
CA VAL B 289 10.40 -10.68 -5.00
C VAL B 289 8.88 -10.62 -5.07
N GLU B 290 8.37 -9.78 -5.96
CA GLU B 290 6.94 -9.60 -6.13
C GLU B 290 6.19 -10.85 -6.58
N LYS B 291 6.70 -11.55 -7.58
CA LYS B 291 6.06 -12.77 -8.06
C LYS B 291 5.96 -13.79 -6.91
N SER B 292 7.06 -13.94 -6.18
CA SER B 292 7.11 -14.87 -5.06
C SER B 292 6.07 -14.59 -3.99
N GLN B 293 5.91 -13.32 -3.61
CA GLN B 293 4.91 -12.99 -2.59
C GLN B 293 3.50 -13.34 -3.06
N VAL B 294 3.19 -13.05 -4.31
CA VAL B 294 1.85 -13.35 -4.82
C VAL B 294 1.65 -14.87 -4.77
N GLY B 295 2.66 -15.63 -5.20
CA GLY B 295 2.56 -17.08 -5.15
C GLY B 295 2.44 -17.57 -3.72
N PHE B 296 3.24 -17.00 -2.83
CA PHE B 296 3.23 -17.34 -1.42
C PHE B 296 1.82 -17.15 -0.87
N ILE B 297 1.17 -16.05 -1.22
CA ILE B 297 -0.19 -15.79 -0.74
C ILE B 297 -1.21 -16.77 -1.34
N ASP B 298 -1.24 -16.89 -2.66
CA ASP B 298 -2.21 -17.78 -3.32
C ASP B 298 -2.14 -19.26 -2.96
N TYR B 299 -0.93 -19.80 -2.84
CA TYR B 299 -0.77 -21.22 -2.57
C TYR B 299 -0.54 -21.64 -1.10
N ILE B 300 -0.17 -20.68 -0.25
CA ILE B 300 0.09 -21.01 1.14
C ILE B 300 -0.67 -20.16 2.17
N VAL B 301 -0.38 -18.86 2.20
CA VAL B 301 -0.98 -17.96 3.18
C VAL B 301 -2.50 -17.81 3.11
N HIS B 302 -3.02 -17.58 1.91
CA HIS B 302 -4.46 -17.43 1.75
C HIS B 302 -5.22 -18.72 2.04
N PRO B 303 -4.81 -19.86 1.43
CA PRO B 303 -5.54 -21.10 1.70
C PRO B 303 -5.63 -21.38 3.20
N LEU B 304 -4.55 -21.08 3.92
CA LEU B 304 -4.49 -21.31 5.36
C LEU B 304 -5.41 -20.35 6.13
N TRP B 305 -5.25 -19.06 5.89
CA TRP B 305 -6.06 -18.06 6.58
C TRP B 305 -7.55 -18.07 6.27
N GLU B 306 -7.93 -18.56 5.10
CA GLU B 306 -9.34 -18.61 4.76
C GLU B 306 -9.98 -19.81 5.47
N THR B 307 -9.16 -20.82 5.78
CA THR B 307 -9.63 -22.00 6.51
C THR B 307 -9.74 -21.62 7.98
N TRP B 308 -8.79 -20.82 8.46
CA TRP B 308 -8.79 -20.35 9.83
C TRP B 308 -9.99 -19.43 10.06
N ALA B 309 -10.22 -18.53 9.09
CA ALA B 309 -11.34 -17.61 9.18
C ALA B 309 -12.63 -18.41 9.27
N ASP B 310 -12.71 -19.47 8.47
CA ASP B 310 -13.87 -20.35 8.46
C ASP B 310 -14.09 -20.94 9.85
N LEU B 311 -13.00 -21.34 10.50
CA LEU B 311 -13.08 -21.93 11.84
C LEU B 311 -13.53 -20.91 12.89
N VAL B 312 -13.09 -19.67 12.77
CA VAL B 312 -13.45 -18.63 13.73
C VAL B 312 -14.40 -17.56 13.18
N GLN B 313 -15.29 -17.93 12.26
CA GLN B 313 -16.25 -16.99 11.66
C GLN B 313 -16.91 -16.10 12.72
N PRO B 314 -16.90 -14.77 12.53
CA PRO B 314 -16.34 -13.99 11.42
C PRO B 314 -15.14 -13.16 11.91
N ASP B 315 -14.49 -13.63 12.97
CA ASP B 315 -13.36 -12.95 13.57
C ASP B 315 -12.22 -12.57 12.63
N ALA B 316 -11.95 -13.41 11.64
CA ALA B 316 -10.84 -13.15 10.72
C ALA B 316 -11.18 -12.50 9.37
N GLN B 317 -12.43 -12.08 9.19
CA GLN B 317 -12.83 -11.48 7.92
C GLN B 317 -11.95 -10.28 7.55
N ASP B 318 -11.70 -9.40 8.51
CA ASP B 318 -10.86 -8.23 8.25
C ASP B 318 -9.42 -8.61 7.90
N ILE B 319 -8.97 -9.76 8.39
CA ILE B 319 -7.62 -10.22 8.09
C ILE B 319 -7.56 -10.58 6.60
N LEU B 320 -8.53 -11.36 6.14
CA LEU B 320 -8.59 -11.75 4.73
C LEU B 320 -8.67 -10.53 3.81
N ASP B 321 -9.36 -9.48 4.26
CA ASP B 321 -9.48 -8.26 3.45
C ASP B 321 -8.11 -7.63 3.28
N THR B 322 -7.40 -7.44 4.39
CA THR B 322 -6.07 -6.86 4.38
C THR B 322 -5.16 -7.68 3.47
N LEU B 323 -5.27 -9.01 3.58
CA LEU B 323 -4.49 -9.93 2.79
C LEU B 323 -4.72 -9.73 1.30
N GLU B 324 -6.00 -9.61 0.91
CA GLU B 324 -6.37 -9.40 -0.47
C GLU B 324 -5.81 -8.08 -0.99
N ASP B 325 -5.90 -7.04 -0.17
CA ASP B 325 -5.38 -5.73 -0.53
C ASP B 325 -3.86 -5.80 -0.78
N ASN B 326 -3.14 -6.38 0.19
CA ASN B 326 -1.70 -6.51 0.06
C ASN B 326 -1.28 -7.35 -1.14
N ARG B 327 -2.09 -8.34 -1.51
CA ARG B 327 -1.78 -9.16 -2.68
C ARG B 327 -1.80 -8.26 -3.92
N ASN B 328 -2.80 -7.39 -3.98
CA ASN B 328 -2.94 -6.45 -5.08
C ASN B 328 -1.69 -5.62 -5.25
N TRP B 329 -1.19 -5.09 -4.13
CA TRP B 329 -0.01 -4.25 -4.16
C TRP B 329 1.18 -4.94 -4.83
N TYR B 330 1.42 -6.20 -4.51
CA TYR B 330 2.53 -6.94 -5.12
C TYR B 330 2.19 -7.38 -6.53
N GLN B 331 0.91 -7.65 -6.77
CA GLN B 331 0.45 -8.07 -8.09
C GLN B 331 0.75 -7.01 -9.15
N SER B 332 0.51 -5.74 -8.82
CA SER B 332 0.74 -4.66 -9.77
C SER B 332 2.21 -4.49 -10.15
N MET B 333 3.11 -5.15 -9.42
CA MET B 333 4.53 -5.07 -9.74
C MET B 333 4.97 -6.23 -10.62
N ILE B 334 4.03 -7.07 -11.03
CA ILE B 334 4.35 -8.21 -11.87
C ILE B 334 4.15 -7.87 -13.34
N PRO B 335 5.22 -7.99 -14.15
CA PRO B 335 5.31 -7.72 -15.60
C PRO B 335 4.24 -8.26 -16.56
N GLN B 336 4.38 -7.81 -17.82
CA GLN B 336 3.54 -8.14 -18.98
C GLN B 336 2.04 -8.35 -18.76
N ALA B 337 1.30 -8.36 -19.87
CA ALA B 337 -0.15 -8.54 -19.86
C ALA B 337 -0.85 -7.37 -19.17
N PRO B 338 -1.50 -6.48 -19.95
CA PRO B 338 -2.21 -5.31 -19.42
C PRO B 338 -3.50 -5.65 -18.67
N ALA B 339 -3.36 -6.27 -17.51
CA ALA B 339 -4.50 -6.66 -16.69
C ALA B 339 -4.33 -6.17 -15.24
N PRO B 340 -4.37 -4.84 -15.02
CA PRO B 340 -4.22 -4.27 -13.68
C PRO B 340 -5.47 -4.44 -12.80
N PRO B 341 -5.30 -5.04 -11.61
CA PRO B 341 -6.44 -5.26 -10.70
C PRO B 341 -7.29 -4.00 -10.56
N LEU B 342 -8.58 -4.13 -10.91
CA LEU B 342 -9.52 -3.01 -10.86
C LEU B 342 -9.98 -2.61 -9.45
N ASP B 343 -10.60 -3.54 -8.73
CA ASP B 343 -11.08 -3.25 -7.38
C ASP B 343 -10.16 -3.76 -6.27
N GLU B 344 -10.14 -3.01 -5.17
CA GLU B 344 -9.33 -3.36 -4.01
C GLU B 344 -10.21 -3.91 -2.88
N GLN B 345 -11.25 -4.65 -3.27
CA GLN B 345 -12.18 -5.25 -2.33
C GLN B 345 -12.57 -6.67 -2.78
ZN ZN C . -5.03 16.23 -19.24
MN MN D . -4.26 17.67 -22.92
AS ARS E . -21.11 10.56 -6.32
C5 ROL F . 0.81 11.83 -20.86
C5 ROL F . 0.84 11.74 -20.89
C6 ROL F . 1.90 11.14 -21.40
C6 ROL F . 1.98 11.07 -21.34
C7 ROL F . 2.37 9.91 -20.87
C7 ROL F . 2.39 9.82 -20.80
C8 ROL F . 1.69 9.33 -19.78
C8 ROL F . 1.70 9.28 -19.71
C9 ROL F . 0.61 10.04 -19.22
C9 ROL F . 0.60 9.99 -19.20
C10 ROL F . 0.17 11.28 -19.74
C10 ROL F . 0.16 11.21 -19.78
C3 ROL F . 0.40 13.15 -21.51
C3 ROL F . 0.34 13.00 -21.57
C2 ROL F . -1.09 13.31 -21.88
C2 ROL F . 0.42 13.02 -23.11
C1 ROL F . -1.49 14.64 -21.24
C1 ROL F . 1.68 13.83 -23.40
O1 ROL F . -2.65 15.06 -21.14
O1 ROL F . 2.26 13.85 -24.47
N1 ROL F . -0.40 15.27 -20.77
N1 ROL F . 2.03 14.50 -22.28
C4 ROL F . 0.72 14.35 -20.63
C4 ROL F . 1.17 14.21 -21.14
O3 ROL F . 3.47 9.18 -21.33
O3 ROL F . 3.46 9.05 -21.30
C11 ROL F . 4.32 9.74 -22.34
C11 ROL F . 4.25 9.56 -22.38
C15 ROL F . 3.71 9.49 -23.72
C15 ROL F . 3.55 9.41 -23.74
C14 ROL F . 4.00 8.00 -23.95
C14 ROL F . 3.80 7.97 -24.18
C13 ROL F . 5.36 7.76 -23.31
C13 ROL F . 4.98 7.47 -23.38
C12 ROL F . 5.63 8.95 -22.38
C12 ROL F . 5.48 8.67 -22.56
O2 ROL F . 2.17 8.10 -19.34
O2 ROL F . 2.17 8.06 -19.22
C16 ROL F . 1.44 7.36 -18.37
C16 ROL F . 1.56 7.48 -18.06
H61 ROL F . 2.39 11.58 -22.26
H61 ROL F . 2.53 11.52 -22.15
H91 ROL F . 0.10 9.62 -18.38
H91 ROL F . 0.08 9.60 -18.37
H101 ROL F . -0.65 11.79 -19.28
H101 ROL F . -0.70 11.72 -19.37
H31 ROL F . 0.96 13.27 -22.43
H31 ROL F . -0.69 13.14 -21.28
H21 ROL F . -1.22 13.39 -22.96
H21 ROL F . 0.46 12.05 -23.58
H22 ROL F . -1.73 12.51 -21.53
H22 ROL F . -0.43 13.54 -23.54
H1 ROL F . -0.42 16.16 -20.33
H1 ROL F . 2.81 15.13 -22.22
H41 ROL F . 0.75 14.09 -19.59
H41 ROL F . 0.55 15.09 -20.99
H42 ROL F . 1.63 14.86 -20.91
H42 ROL F . 1.77 14.04 -20.27
H111 ROL F . 4.55 10.78 -22.14
H111 ROL F . 4.59 10.56 -22.19
H151 ROL F . 2.66 9.70 -23.80
H151 ROL F . 2.50 9.64 -23.74
H152 ROL F . 4.24 10.08 -24.46
H152 ROL F . 4.02 10.09 -24.44
H141 ROL F . 3.98 7.74 -24.99
H141 ROL F . 4.01 7.94 -25.24
H142 ROL F . 3.26 7.40 -23.44
H142 ROL F . 2.93 7.35 -24.01
H131 ROL F . 6.13 7.72 -24.07
H131 ROL F . 5.75 7.06 -24.01
H132 ROL F . 5.36 6.83 -22.77
H132 ROL F . 4.63 6.69 -22.73
H121 ROL F . 6.41 9.57 -22.81
H121 ROL F . 6.21 9.22 -23.15
H122 ROL F . 5.94 8.62 -21.41
H122 ROL F . 5.94 8.39 -21.63
H161 ROL F . 1.91 6.40 -18.21
H161 ROL F . 2.08 6.57 -17.81
H162 ROL F . 1.41 7.88 -17.43
H162 ROL F . 1.62 8.15 -17.21
H163 ROL F . 0.43 7.18 -18.71
H163 ROL F . 0.53 7.23 -18.25
ZN ZN G . 9.08 -18.27 12.52
MN MN H . 10.45 -22.85 13.09
C5 ROL I . 8.19 -16.89 5.39
C5 ROL I . 8.16 -16.69 5.37
C6 ROL I . 8.25 -16.90 3.99
C6 ROL I . 8.29 -16.72 3.98
C7 ROL I . 7.97 -15.73 3.22
C7 ROL I . 8.01 -15.59 3.16
C8 ROL I . 7.66 -14.53 3.86
C8 ROL I . 7.63 -14.37 3.78
C9 ROL I . 7.60 -14.52 5.26
C9 ROL I . 7.53 -14.36 5.19
C10 ROL I . 7.81 -15.69 6.01
C10 ROL I . 7.74 -15.51 5.97
C3 ROL I . 8.59 -18.14 6.16
C3 ROL I . 8.48 -17.91 6.23
C2 ROL I . 9.67 -17.97 7.24
C2 ROL I . 9.86 -18.54 5.99
C1 ROL I . 9.12 -18.74 8.46
C1 ROL I . 9.54 -19.74 5.09
O1 ROL I . 9.62 -18.74 9.57
O1 ROL I . 10.39 -20.37 4.47
N1 ROL I . 8.00 -19.41 8.09
N1 ROL I . 8.22 -20.00 5.11
C4 ROL I . 7.44 -18.83 6.88
C4 ROL I . 7.49 -19.05 5.95
O3 ROL I . 7.95 -15.68 1.82
O3 ROL I . 8.06 -15.59 1.76
C11 ROL I . 8.55 -16.69 1.03
C11 ROL I . 8.44 -16.77 1.05
C15 ROL I . 9.97 -16.27 0.67
C15 ROL I . 9.89 -16.67 0.61
C14 ROL I . 9.79 -15.38 -0.56
C14 ROL I . 9.86 -15.99 -0.76
C13 ROL I . 8.58 -15.97 -1.29
C13 ROL I . 8.43 -16.07 -1.27
C12 ROL I . 7.77 -16.74 -0.27
C12 ROL I . 7.63 -16.80 -0.23
O2 ROL I . 7.41 -13.41 3.03
O2 ROL I . 7.37 -13.26 2.97
C16 ROL I . 7.17 -12.13 3.61
C16 ROL I . 6.98 -12.02 3.55
H61 ROL I . 8.50 -17.83 3.52
H61 ROL I . 8.61 -17.64 3.55
H91 ROL I . 7.39 -13.61 5.78
H91 ROL I . 7.28 -13.46 5.69
H101 ROL I . 7.70 -15.63 7.09
H101 ROL I . 7.58 -15.45 7.03
H31 ROL I . 8.99 -18.86 5.46
H31 ROL I . 8.41 -17.61 7.25
H21 ROL I . 10.61 -18.41 6.94
H21 ROL I . 10.56 -17.87 5.52
H22 ROL I . 9.85 -16.96 7.52
H22 ROL I . 10.30 -18.90 6.91
H1 ROL I . 7.50 -20.03 8.69
H1 ROL I . 7.78 -20.73 4.60
H41 ROL I . 6.70 -18.13 7.20
H41 ROL I . 7.19 -19.58 6.84
H42 ROL I . 6.98 -19.62 6.30
H42 ROL I . 6.60 -18.73 5.41
H111 ROL I . 8.51 -17.69 1.44
H111 ROL I . 8.21 -17.71 1.52
H151 ROL I . 10.48 -15.77 1.49
H151 ROL I . 10.49 -16.12 1.33
H152 ROL I . 10.54 -17.15 0.42
H152 ROL I . 10.30 -17.67 0.52
H141 ROL I . 10.68 -15.36 -1.18
H141 ROL I . 10.55 -16.46 -1.44
H142 ROL I . 9.59 -14.37 -0.24
H142 ROL I . 10.14 -14.94 -0.66
H131 ROL I . 8.89 -16.65 -2.07
H131 ROL I . 8.35 -16.56 -2.23
H132 ROL I . 8.00 -15.19 -1.75
H132 ROL I . 8.03 -15.07 -1.39
H121 ROL I . 7.61 -17.75 -0.59
H121 ROL I . 7.43 -17.82 -0.52
H122 ROL I . 6.82 -16.26 -0.12
H122 ROL I . 6.71 -16.28 -0.05
H161 ROL I . 7.05 -11.39 2.84
H161 ROL I . 6.80 -11.28 2.78
H162 ROL I . 6.27 -12.16 4.20
H162 ROL I . 6.06 -12.14 4.12
H163 ROL I . 8.00 -11.82 4.23
H163 ROL I . 7.76 -11.64 4.20
#